data_5RMK
#
_entry.id   5RMK
#
_cell.length_a   59.034
_cell.length_b   70.039
_cell.length_c   85.317
_cell.angle_alpha   102.810
_cell.angle_beta   96.070
_cell.angle_gamma   112.420
#
_symmetry.space_group_name_H-M   'P 1'
#
loop_
_entity.id
_entity.type
_entity.pdbx_description
1 polymer Helicase
2 non-polymer 'ZINC ION'
3 non-polymer 'PHOSPHATE ION'
4 non-polymer N-methyl-1H-indole-7-carboxamide
5 water water
#
_entity_poly.entity_id   1
_entity_poly.type   'polypeptide(L)'
_entity_poly.pdbx_seq_one_letter_code
;AVGACVLCNSQTSLRCGACIRRPFLCCKCCYDHVISTSHKLVLSVNPYVCNAPGCDVTDVTQLYLGGMSYYCKSHKPPIS
FPLCANGQVFGLYKNTCVGSDNVTDFNAIATCDWTNAGDYILANTCTERLKLFAAETLKATEETFKLSYGIATVREVLSD
RELHLSWEVGKPRPPLNRNYVFTGYRVTKNSKVQIGEYTFEKGDYGDAVVYRGTTTYKLNVGDYFVLTSHTVMPLSAPTL
VPQEHYVRITGLYPTLNISDEFSSNVANYQKVGMQKYSTLQGPPGTGKSHFAIGLALYYPSARIVYTACSHAAVDALCEK
ALKYLPIDKCSRIIPARARVECFDKFKVNSTLEQYVFCTVNALPETTADIVVFDEISMATNYDLSVVNARLRAKHYVYIG
DPAQLPAPRTLLTKGTLEPEYFNSVCRLMKTIGPDMFLGTCRRCPAEIVDTVSALVYDNKLKAHKDKSAQCFKMFYKGVI
THDVSSAINRPQIGVVREFLTRNPAWRKAVFISPYNSQNAVASKILGLPTQTVDSSQGSEYDYVIFTQTTETAHSCNVNR
FNVAITRAKVGILCIMSDRDLYDKLQFTSLEIPRRNVATLQ
;
_entity_poly.pdbx_strand_id   A,B
#
# COMPACT_ATOMS: atom_id res chain seq x y z
N ALA A 1 -23.01 -12.26 -6.80
CA ALA A 1 -24.46 -12.64 -6.68
C ALA A 1 -24.64 -13.81 -5.71
N VAL A 2 -23.65 -14.69 -5.60
CA VAL A 2 -23.59 -15.80 -4.60
C VAL A 2 -22.90 -15.27 -3.34
N GLY A 3 -23.49 -15.53 -2.16
CA GLY A 3 -22.94 -15.07 -0.86
C GLY A 3 -23.59 -15.76 0.32
N ALA A 4 -23.04 -15.56 1.53
CA ALA A 4 -23.52 -16.12 2.82
C ALA A 4 -24.27 -15.04 3.61
N CYS A 5 -25.17 -15.48 4.49
CA CYS A 5 -26.18 -14.66 5.23
C CYS A 5 -25.52 -13.97 6.44
N VAL A 6 -25.49 -12.62 6.47
CA VAL A 6 -24.74 -11.81 7.47
C VAL A 6 -25.27 -12.09 8.89
N LEU A 7 -26.41 -12.78 9.04
CA LEU A 7 -26.98 -13.10 10.37
C LEU A 7 -26.69 -14.57 10.73
N CYS A 8 -27.10 -15.52 9.87
CA CYS A 8 -27.12 -16.99 10.16
C CYS A 8 -26.18 -17.78 9.24
N ASN A 9 -25.42 -17.13 8.36
CA ASN A 9 -24.34 -17.73 7.52
C ASN A 9 -24.94 -18.55 6.37
N SER A 10 -26.24 -18.92 6.43
CA SER A 10 -26.98 -19.63 5.36
C SER A 10 -26.64 -19.03 3.99
N GLN A 11 -26.39 -19.86 2.99
CA GLN A 11 -26.10 -19.41 1.61
C GLN A 11 -27.39 -18.78 1.03
N THR A 12 -27.27 -17.68 0.29
CA THR A 12 -28.38 -17.07 -0.50
C THR A 12 -27.84 -16.27 -1.69
N SER A 13 -28.75 -15.90 -2.59
CA SER A 13 -28.55 -14.90 -3.68
C SER A 13 -29.07 -13.54 -3.21
N LEU A 14 -29.99 -13.54 -2.23
CA LEU A 14 -30.72 -12.33 -1.70
C LEU A 14 -29.74 -11.40 -0.97
N ARG A 15 -29.59 -10.17 -1.48
CA ARG A 15 -28.98 -9.00 -0.79
C ARG A 15 -30.11 -8.00 -0.50
N CYS A 16 -30.05 -7.21 0.59
CA CYS A 16 -30.94 -6.03 0.78
C CYS A 16 -30.40 -4.86 -0.04
N GLY A 17 -31.23 -4.29 -0.92
CA GLY A 17 -30.85 -3.15 -1.78
C GLY A 17 -31.11 -1.84 -1.07
N ALA A 18 -31.67 -1.89 0.14
CA ALA A 18 -32.08 -0.69 0.91
C ALA A 18 -31.05 -0.41 2.02
N CYS A 19 -30.40 -1.45 2.57
CA CYS A 19 -29.12 -1.32 3.32
C CYS A 19 -28.02 -0.67 2.48
N ILE A 20 -27.26 0.29 3.05
CA ILE A 20 -26.14 1.02 2.39
C ILE A 20 -24.98 0.06 2.10
N ARG A 21 -24.90 -1.07 2.80
CA ARG A 21 -23.85 -2.10 2.58
C ARG A 21 -24.40 -3.37 1.91
N ARG A 22 -25.60 -3.33 1.35
CA ARG A 22 -26.17 -4.42 0.51
C ARG A 22 -25.72 -5.79 1.02
N PRO A 23 -26.00 -6.12 2.30
CA PRO A 23 -25.66 -7.42 2.84
C PRO A 23 -26.48 -8.58 2.27
N PHE A 24 -25.82 -9.71 2.05
CA PHE A 24 -26.41 -11.04 1.71
C PHE A 24 -27.26 -11.52 2.90
N LEU A 25 -28.56 -11.70 2.69
CA LEU A 25 -29.51 -12.25 3.70
C LEU A 25 -30.15 -13.55 3.17
N CYS A 26 -30.35 -14.52 4.06
CA CYS A 26 -31.06 -15.80 3.74
C CYS A 26 -32.56 -15.52 3.61
N CYS A 27 -33.29 -16.47 3.03
CA CYS A 27 -34.75 -16.38 2.78
C CYS A 27 -35.49 -16.06 4.09
N LYS A 28 -35.17 -16.74 5.19
CA LYS A 28 -35.89 -16.57 6.49
C LYS A 28 -35.64 -15.17 7.07
N CYS A 29 -34.39 -14.69 7.01
CA CYS A 29 -33.92 -13.41 7.60
C CYS A 29 -34.33 -12.23 6.70
N CYS A 30 -34.13 -12.32 5.38
CA CYS A 30 -34.56 -11.30 4.39
C CYS A 30 -36.04 -10.94 4.59
N TYR A 31 -36.87 -11.95 4.88
CA TYR A 31 -38.32 -11.75 5.15
C TYR A 31 -38.48 -10.92 6.42
N ASP A 32 -37.83 -11.36 7.50
CA ASP A 32 -37.94 -10.72 8.85
C ASP A 32 -37.40 -9.28 8.75
N HIS A 33 -36.44 -9.00 7.84
CA HIS A 33 -35.95 -7.63 7.56
C HIS A 33 -37.06 -6.82 6.90
N VAL A 34 -37.53 -7.24 5.70
CA VAL A 34 -38.39 -6.40 4.82
C VAL A 34 -39.74 -6.14 5.47
N ILE A 35 -40.24 -7.08 6.28
CA ILE A 35 -41.60 -7.01 6.89
C ILE A 35 -41.59 -6.10 8.14
N SER A 36 -40.41 -5.74 8.67
CA SER A 36 -40.25 -4.95 9.92
C SER A 36 -39.69 -3.54 9.65
N THR A 37 -39.07 -3.32 8.48
CA THR A 37 -38.35 -2.05 8.14
C THR A 37 -38.89 -1.43 6.85
N SER A 38 -38.56 -0.17 6.60
CA SER A 38 -38.85 0.56 5.34
C SER A 38 -37.97 -0.01 4.20
N HIS A 39 -37.27 -1.12 4.45
CA HIS A 39 -36.34 -1.77 3.49
C HIS A 39 -37.11 -2.84 2.72
N LYS A 40 -37.50 -2.54 1.48
CA LYS A 40 -38.38 -3.40 0.65
C LYS A 40 -37.64 -3.87 -0.60
N LEU A 41 -36.59 -3.17 -1.04
CA LEU A 41 -35.79 -3.62 -2.22
C LEU A 41 -34.95 -4.84 -1.81
N VAL A 42 -35.04 -5.91 -2.61
CA VAL A 42 -34.30 -7.20 -2.45
C VAL A 42 -33.61 -7.49 -3.78
N LEU A 43 -32.31 -7.78 -3.77
CA LEU A 43 -31.48 -8.05 -4.98
C LEU A 43 -30.92 -9.48 -4.89
N SER A 44 -31.22 -10.33 -5.88
CA SER A 44 -30.51 -11.61 -6.15
C SER A 44 -29.54 -11.36 -7.31
N VAL A 45 -29.55 -12.19 -8.37
CA VAL A 45 -28.80 -11.91 -9.63
C VAL A 45 -29.45 -10.67 -10.26
N ASN A 46 -30.77 -10.73 -10.39
CA ASN A 46 -31.63 -9.67 -10.99
C ASN A 46 -32.41 -9.06 -9.84
N PRO A 47 -32.64 -7.72 -9.84
CA PRO A 47 -33.41 -7.09 -8.78
C PRO A 47 -34.86 -7.61 -8.75
N TYR A 48 -35.43 -7.72 -7.55
CA TYR A 48 -36.86 -8.07 -7.34
C TYR A 48 -37.67 -6.80 -7.59
N VAL A 49 -37.97 -6.57 -8.86
CA VAL A 49 -38.74 -5.42 -9.41
C VAL A 49 -39.74 -5.97 -10.43
N CYS A 50 -40.89 -5.32 -10.64
CA CYS A 50 -41.89 -5.71 -11.66
C CYS A 50 -41.29 -5.56 -13.06
N ASN A 51 -41.28 -6.64 -13.84
CA ASN A 51 -40.66 -6.66 -15.19
C ASN A 51 -41.61 -6.05 -16.23
N ALA A 52 -42.87 -5.78 -15.86
CA ALA A 52 -43.90 -5.21 -16.77
C ALA A 52 -43.44 -3.82 -17.22
N PRO A 53 -43.45 -3.50 -18.53
CA PRO A 53 -42.92 -2.22 -19.00
C PRO A 53 -43.56 -1.02 -18.30
N GLY A 54 -42.74 -0.07 -17.84
CA GLY A 54 -43.17 1.22 -17.28
C GLY A 54 -43.73 1.10 -15.88
N CYS A 55 -43.64 -0.08 -15.26
CA CYS A 55 -44.13 -0.33 -13.89
C CYS A 55 -42.98 -0.08 -12.92
N ASP A 56 -43.25 0.58 -11.80
CA ASP A 56 -42.22 1.02 -10.81
C ASP A 56 -42.51 0.39 -9.43
N VAL A 57 -43.12 -0.80 -9.39
CA VAL A 57 -43.28 -1.59 -8.13
C VAL A 57 -41.95 -2.30 -7.88
N THR A 58 -41.20 -1.86 -6.86
CA THR A 58 -39.88 -2.39 -6.44
C THR A 58 -40.00 -3.08 -5.07
N ASP A 59 -41.14 -2.94 -4.39
CA ASP A 59 -41.37 -3.48 -3.03
C ASP A 59 -41.68 -4.97 -3.13
N VAL A 60 -40.77 -5.80 -2.58
CA VAL A 60 -40.77 -7.29 -2.62
C VAL A 60 -42.07 -7.84 -2.01
N THR A 61 -42.70 -7.09 -1.10
CA THR A 61 -43.96 -7.49 -0.40
C THR A 61 -45.16 -7.34 -1.34
N GLN A 62 -44.99 -6.58 -2.45
CA GLN A 62 -46.03 -6.33 -3.48
C GLN A 62 -45.68 -7.05 -4.79
N LEU A 63 -44.79 -8.05 -4.77
CA LEU A 63 -44.25 -8.69 -6.00
C LEU A 63 -44.41 -10.23 -5.96
N TYR A 64 -44.42 -10.85 -7.14
CA TYR A 64 -44.69 -12.30 -7.35
C TYR A 64 -43.72 -12.87 -8.38
N LEU A 65 -43.40 -14.15 -8.25
CA LEU A 65 -42.71 -14.96 -9.28
C LEU A 65 -43.75 -15.47 -10.29
N GLY A 66 -43.81 -14.84 -11.48
CA GLY A 66 -44.65 -15.25 -12.62
C GLY A 66 -43.82 -16.02 -13.62
N GLY A 67 -43.88 -17.35 -13.56
CA GLY A 67 -42.94 -18.24 -14.27
C GLY A 67 -41.52 -17.94 -13.83
N MET A 68 -40.70 -17.41 -14.73
CA MET A 68 -39.24 -17.21 -14.51
C MET A 68 -38.92 -15.73 -14.24
N SER A 69 -39.94 -14.88 -14.07
CA SER A 69 -39.81 -13.42 -13.87
C SER A 69 -40.66 -12.93 -12.68
N TYR A 70 -40.62 -11.63 -12.40
CA TYR A 70 -41.24 -11.03 -11.19
C TYR A 70 -42.19 -9.95 -11.67
N TYR A 71 -43.37 -9.89 -11.07
CA TYR A 71 -44.47 -8.96 -11.44
C TYR A 71 -45.18 -8.52 -10.16
N CYS A 72 -45.80 -7.35 -10.19
CA CYS A 72 -46.68 -6.87 -9.10
C CYS A 72 -48.08 -7.51 -9.24
N LYS A 73 -48.99 -7.20 -8.30
CA LYS A 73 -50.39 -7.70 -8.27
C LYS A 73 -51.10 -7.33 -9.58
N SER A 74 -50.81 -6.13 -10.13
CA SER A 74 -51.42 -5.54 -11.35
C SER A 74 -50.91 -6.20 -12.64
N HIS A 75 -49.82 -7.00 -12.62
CA HIS A 75 -49.14 -7.52 -13.83
C HIS A 75 -48.86 -9.03 -13.76
N LYS A 76 -49.05 -9.66 -12.60
CA LYS A 76 -48.68 -11.08 -12.39
C LYS A 76 -49.59 -11.94 -13.25
N PRO A 77 -49.09 -13.04 -13.85
CA PRO A 77 -49.96 -13.98 -14.56
C PRO A 77 -50.78 -14.80 -13.57
N PRO A 78 -51.79 -15.59 -14.02
CA PRO A 78 -52.59 -16.39 -13.11
C PRO A 78 -51.75 -17.31 -12.20
N ILE A 79 -50.83 -18.10 -12.78
CA ILE A 79 -49.94 -19.00 -11.99
C ILE A 79 -48.69 -18.20 -11.60
N SER A 80 -48.80 -17.48 -10.48
CA SER A 80 -47.74 -16.66 -9.86
C SER A 80 -47.76 -16.83 -8.33
N PHE A 81 -46.58 -16.76 -7.72
CA PHE A 81 -46.29 -16.96 -6.28
C PHE A 81 -45.82 -15.64 -5.67
N PRO A 82 -46.34 -15.22 -4.48
CA PRO A 82 -45.76 -14.06 -3.79
C PRO A 82 -44.30 -14.34 -3.39
N LEU A 83 -43.39 -13.42 -3.74
CA LEU A 83 -41.96 -13.52 -3.34
C LEU A 83 -41.92 -13.57 -1.81
N CYS A 84 -42.81 -12.80 -1.16
CA CYS A 84 -42.92 -12.64 0.31
C CYS A 84 -44.15 -13.37 0.84
N ALA A 85 -43.97 -14.59 1.34
CA ALA A 85 -45.02 -15.34 2.06
C ALA A 85 -44.39 -16.50 2.86
N ASN A 86 -45.06 -16.90 3.95
CA ASN A 86 -44.71 -18.09 4.77
C ASN A 86 -43.33 -17.90 5.42
N GLY A 87 -43.07 -16.70 5.96
CA GLY A 87 -41.87 -16.36 6.74
C GLY A 87 -40.60 -16.26 5.89
N GLN A 88 -40.70 -16.40 4.56
CA GLN A 88 -39.53 -16.44 3.66
C GLN A 88 -39.75 -15.47 2.49
N VAL A 89 -38.65 -14.97 1.91
CA VAL A 89 -38.57 -14.29 0.59
C VAL A 89 -38.01 -15.31 -0.40
N PHE A 90 -38.64 -15.47 -1.56
CA PHE A 90 -38.26 -16.47 -2.58
C PHE A 90 -36.83 -16.21 -3.06
N GLY A 91 -35.97 -17.23 -2.97
CA GLY A 91 -34.58 -17.20 -3.47
C GLY A 91 -33.94 -18.58 -3.43
N LEU A 92 -32.69 -18.67 -3.89
CA LEU A 92 -31.91 -19.93 -3.96
C LEU A 92 -31.52 -20.39 -2.55
N TYR A 93 -31.41 -21.71 -2.36
CA TYR A 93 -30.89 -22.41 -1.15
C TYR A 93 -31.89 -22.24 0.02
N LYS A 94 -33.19 -22.13 -0.29
CA LYS A 94 -34.29 -21.81 0.66
C LYS A 94 -34.32 -22.78 1.85
N VAL A 103 -33.72 -11.11 14.56
CA VAL A 103 -33.27 -10.14 13.52
C VAL A 103 -33.54 -8.69 13.98
N THR A 104 -34.22 -8.49 15.12
CA THR A 104 -34.50 -7.17 15.75
C THR A 104 -33.25 -6.29 15.66
N ASP A 105 -32.10 -6.77 16.16
CA ASP A 105 -30.83 -6.01 16.22
C ASP A 105 -30.37 -5.65 14.81
N PHE A 106 -30.33 -6.60 13.88
CA PHE A 106 -29.88 -6.33 12.48
C PHE A 106 -30.69 -5.15 11.94
N ASN A 107 -32.00 -5.15 12.18
CA ASN A 107 -32.96 -4.14 11.67
C ASN A 107 -32.53 -2.75 12.15
N ALA A 108 -32.28 -2.59 13.45
CA ALA A 108 -31.90 -1.30 14.09
C ALA A 108 -30.56 -0.79 13.51
N ILE A 109 -29.58 -1.67 13.32
CA ILE A 109 -28.26 -1.30 12.73
C ILE A 109 -28.48 -0.80 11.31
N ALA A 110 -29.22 -1.57 10.51
CA ALA A 110 -29.50 -1.33 9.07
C ALA A 110 -30.16 0.04 8.88
N THR A 111 -31.03 0.46 9.81
CA THR A 111 -31.95 1.62 9.62
C THR A 111 -31.60 2.84 10.50
N CYS A 112 -30.63 2.76 11.43
CA CYS A 112 -30.25 3.92 12.29
C CYS A 112 -29.37 4.90 11.50
N ASP A 113 -29.39 6.20 11.88
CA ASP A 113 -28.60 7.28 11.24
C ASP A 113 -27.26 7.49 11.96
N TRP A 114 -27.06 6.82 13.11
CA TRP A 114 -25.80 6.80 13.93
C TRP A 114 -25.55 8.14 14.64
N THR A 115 -26.62 8.83 15.06
CA THR A 115 -26.56 10.12 15.77
C THR A 115 -26.92 9.89 17.25
N ASN A 116 -27.37 8.68 17.59
CA ASN A 116 -27.81 8.31 18.96
C ASN A 116 -26.78 7.37 19.57
N ALA A 117 -26.56 7.44 20.87
CA ALA A 117 -25.62 6.57 21.62
C ALA A 117 -26.08 5.11 21.55
N GLY A 118 -27.40 4.90 21.64
CA GLY A 118 -28.03 3.56 21.58
C GLY A 118 -27.64 2.79 20.32
N ASP A 119 -27.32 3.50 19.25
CA ASP A 119 -26.88 2.91 17.95
C ASP A 119 -25.50 2.28 18.16
N TYR A 120 -24.63 2.94 18.93
CA TYR A 120 -23.25 2.49 19.16
C TYR A 120 -23.29 1.38 20.21
N ILE A 121 -24.22 1.48 21.17
CA ILE A 121 -24.41 0.45 22.23
C ILE A 121 -24.68 -0.88 21.53
N LEU A 122 -25.71 -0.90 20.68
CA LEU A 122 -26.19 -2.08 19.92
C LEU A 122 -25.07 -2.64 19.02
N ALA A 123 -24.31 -1.77 18.33
CA ALA A 123 -23.21 -2.17 17.41
C ALA A 123 -22.06 -2.88 18.17
N ASN A 124 -22.15 -2.93 19.51
CA ASN A 124 -21.09 -3.51 20.36
C ASN A 124 -21.63 -4.60 21.30
N THR A 125 -22.95 -4.77 21.43
CA THR A 125 -23.58 -5.84 22.23
C THR A 125 -24.13 -6.95 21.33
N CYS A 126 -24.16 -6.73 20.01
CA CYS A 126 -24.72 -7.68 19.01
C CYS A 126 -23.75 -8.87 18.86
N THR A 127 -24.12 -9.85 18.02
CA THR A 127 -23.24 -10.95 17.56
C THR A 127 -22.04 -10.36 16.80
N GLU A 128 -20.99 -11.16 16.63
CA GLU A 128 -19.72 -10.76 15.97
C GLU A 128 -19.99 -10.35 14.53
N ARG A 129 -20.76 -11.11 13.74
CA ARG A 129 -20.96 -10.74 12.31
C ARG A 129 -21.73 -9.42 12.25
N LEU A 130 -22.67 -9.18 13.16
CA LEU A 130 -23.45 -7.91 13.19
C LEU A 130 -22.53 -6.73 13.53
N LYS A 131 -21.51 -6.94 14.38
CA LYS A 131 -20.51 -5.91 14.76
C LYS A 131 -19.76 -5.47 13.49
N LEU A 132 -19.45 -6.39 12.58
CA LEU A 132 -18.73 -6.04 11.31
C LEU A 132 -19.69 -5.27 10.40
N PHE A 133 -20.96 -5.71 10.38
CA PHE A 133 -22.04 -5.08 9.57
C PHE A 133 -22.20 -3.64 10.08
N ALA A 134 -22.40 -3.51 11.40
CA ALA A 134 -22.50 -2.23 12.15
C ALA A 134 -21.32 -1.30 11.81
N ALA A 135 -20.08 -1.78 11.94
CA ALA A 135 -18.84 -1.01 11.68
C ALA A 135 -18.79 -0.53 10.22
N GLU A 136 -19.10 -1.41 9.26
CA GLU A 136 -19.06 -1.11 7.82
C GLU A 136 -20.08 -0.01 7.53
N THR A 137 -21.31 -0.24 8.01
CA THR A 137 -22.48 0.64 7.80
C THR A 137 -22.15 2.02 8.36
N LEU A 138 -21.76 2.06 9.64
CA LEU A 138 -21.39 3.29 10.39
C LEU A 138 -20.36 4.05 9.56
N LYS A 139 -19.25 3.40 9.19
CA LYS A 139 -18.13 4.09 8.51
C LYS A 139 -18.62 4.57 7.15
N ALA A 140 -19.48 3.79 6.49
CA ALA A 140 -20.08 4.17 5.19
C ALA A 140 -20.92 5.43 5.42
N THR A 141 -21.81 5.40 6.41
CA THR A 141 -22.64 6.57 6.77
C THR A 141 -21.73 7.79 7.03
N GLU A 142 -20.65 7.61 7.81
CA GLU A 142 -19.74 8.74 8.21
C GLU A 142 -19.18 9.36 6.94
N GLU A 143 -18.69 8.53 6.01
CA GLU A 143 -18.01 8.98 4.76
C GLU A 143 -19.02 9.69 3.86
N THR A 144 -20.21 9.12 3.66
CA THR A 144 -21.28 9.70 2.79
C THR A 144 -21.82 10.99 3.42
N PHE A 145 -21.73 11.14 4.73
CA PHE A 145 -22.08 12.43 5.39
C PHE A 145 -21.10 13.51 4.92
N LYS A 146 -19.81 13.16 4.75
CA LYS A 146 -18.70 14.12 4.44
C LYS A 146 -18.92 14.78 3.07
N LEU A 147 -19.77 14.22 2.23
CA LEU A 147 -20.15 14.81 0.91
C LEU A 147 -21.07 16.01 1.15
N SER A 148 -21.90 15.97 2.20
CA SER A 148 -22.94 16.98 2.52
C SER A 148 -22.34 18.34 2.94
N TYR A 149 -21.01 18.46 3.07
CA TYR A 149 -20.33 19.70 3.49
C TYR A 149 -19.95 20.57 2.29
N GLY A 150 -19.75 21.86 2.55
CA GLY A 150 -19.53 22.92 1.55
C GLY A 150 -18.06 23.22 1.30
N ILE A 151 -17.73 23.52 0.04
CA ILE A 151 -16.34 23.74 -0.46
C ILE A 151 -15.83 25.08 0.08
N ALA A 152 -14.57 25.10 0.55
CA ALA A 152 -13.84 26.28 1.08
C ALA A 152 -12.88 26.80 0.01
N THR A 153 -13.16 27.97 -0.55
CA THR A 153 -12.36 28.61 -1.63
C THR A 153 -11.57 29.79 -1.03
N VAL A 154 -10.26 29.83 -1.27
CA VAL A 154 -9.32 30.87 -0.75
C VAL A 154 -9.66 32.20 -1.43
N ARG A 155 -10.04 33.21 -0.65
CA ARG A 155 -10.35 34.58 -1.12
C ARG A 155 -9.05 35.42 -1.14
N GLU A 156 -8.22 35.29 -0.09
CA GLU A 156 -6.92 36.02 0.04
C GLU A 156 -5.92 35.20 0.88
N VAL A 157 -4.63 35.58 0.86
CA VAL A 157 -3.51 34.94 1.62
C VAL A 157 -2.77 36.04 2.38
N LEU A 158 -3.07 36.19 3.68
CA LEU A 158 -2.46 37.23 4.57
C LEU A 158 -0.95 37.00 4.66
N SER A 159 -0.55 35.83 5.16
CA SER A 159 0.87 35.48 5.47
C SER A 159 1.11 33.98 5.23
N ASP A 160 2.10 33.41 5.93
CA ASP A 160 2.56 31.99 5.78
C ASP A 160 1.68 31.06 6.63
N ARG A 161 1.09 31.57 7.72
CA ARG A 161 0.25 30.78 8.67
C ARG A 161 -1.00 31.58 9.07
N GLU A 162 -1.68 32.19 8.09
CA GLU A 162 -2.97 32.93 8.28
C GLU A 162 -3.56 33.29 6.92
N LEU A 163 -4.87 33.09 6.72
CA LEU A 163 -5.63 33.54 5.52
C LEU A 163 -7.12 33.69 5.83
N HIS A 164 -7.91 34.08 4.81
CA HIS A 164 -9.39 34.23 4.83
C HIS A 164 -9.99 33.30 3.76
N LEU A 165 -11.23 32.85 3.94
CA LEU A 165 -11.90 31.86 3.03
C LEU A 165 -13.31 32.32 2.63
N SER A 166 -13.79 31.82 1.49
CA SER A 166 -15.15 31.99 0.93
C SER A 166 -15.83 30.62 0.84
N TRP A 167 -16.93 30.42 1.59
CA TRP A 167 -17.61 29.11 1.79
C TRP A 167 -18.80 28.96 0.82
N GLU A 168 -19.12 27.73 0.43
CA GLU A 168 -20.26 27.39 -0.45
C GLU A 168 -21.56 27.69 0.31
N VAL A 169 -22.52 28.32 -0.37
CA VAL A 169 -23.88 28.66 0.17
C VAL A 169 -24.78 27.42 0.01
N GLY A 170 -25.67 27.17 0.98
CA GLY A 170 -26.61 26.03 0.99
C GLY A 170 -26.09 24.87 1.83
N LYS A 171 -24.92 24.34 1.48
CA LYS A 171 -24.25 23.21 2.18
C LYS A 171 -23.62 23.70 3.47
N PRO A 172 -23.86 23.01 4.61
CA PRO A 172 -23.33 23.46 5.91
C PRO A 172 -21.80 23.57 5.89
N ARG A 173 -21.25 24.36 6.83
CA ARG A 173 -19.80 24.64 6.96
C ARG A 173 -19.26 23.83 8.14
N PRO A 174 -18.22 22.97 7.94
CA PRO A 174 -17.73 22.10 9.01
C PRO A 174 -16.96 22.82 10.11
N PRO A 175 -17.06 22.37 11.38
CA PRO A 175 -16.41 23.03 12.50
C PRO A 175 -14.89 23.15 12.32
N LEU A 176 -14.37 24.38 12.44
CA LEU A 176 -12.93 24.72 12.26
C LEU A 176 -12.14 24.22 13.48
N ASN A 177 -11.71 22.96 13.45
CA ASN A 177 -10.84 22.34 14.48
C ASN A 177 -9.77 21.52 13.74
N ARG A 178 -8.69 21.14 14.44
CA ARG A 178 -7.63 20.26 13.91
C ARG A 178 -8.20 18.84 13.67
N ASN A 179 -9.32 18.50 14.32
CA ASN A 179 -10.04 17.20 14.17
C ASN A 179 -10.44 17.01 12.71
N TYR A 180 -11.15 17.98 12.12
CA TYR A 180 -11.68 17.93 10.73
C TYR A 180 -10.55 18.18 9.72
N VAL A 181 -9.91 17.11 9.25
CA VAL A 181 -8.78 17.17 8.27
C VAL A 181 -9.37 17.18 6.86
N PHE A 182 -9.04 18.23 6.10
CA PHE A 182 -9.50 18.46 4.69
C PHE A 182 -8.52 17.78 3.73
N THR A 183 -8.75 17.99 2.43
CA THR A 183 -7.78 17.73 1.34
C THR A 183 -7.82 18.95 0.40
N GLY A 184 -6.65 19.38 -0.06
CA GLY A 184 -6.48 20.57 -0.92
C GLY A 184 -6.44 20.17 -2.39
N TYR A 185 -7.00 21.02 -3.26
CA TYR A 185 -7.11 20.79 -4.72
C TYR A 185 -7.02 22.12 -5.49
N GLN A 194 -4.34 19.06 -6.21
CA GLN A 194 -4.29 17.77 -5.48
C GLN A 194 -3.18 17.83 -4.41
N ILE A 195 -3.15 18.93 -3.64
CA ILE A 195 -1.98 19.47 -2.89
C ILE A 195 -2.03 19.01 -1.41
N GLY A 196 -2.15 17.71 -1.17
CA GLY A 196 -2.03 17.08 0.16
C GLY A 196 -3.02 17.63 1.19
N GLU A 197 -3.13 16.96 2.34
CA GLU A 197 -4.09 17.27 3.43
C GLU A 197 -3.84 18.67 3.99
N TYR A 198 -4.88 19.28 4.58
CA TYR A 198 -4.88 20.63 5.22
C TYR A 198 -5.83 20.64 6.42
N THR A 199 -5.50 21.38 7.48
CA THR A 199 -6.30 21.55 8.73
C THR A 199 -6.41 23.05 9.06
N PHE A 200 -7.41 23.44 9.85
CA PHE A 200 -7.77 24.86 10.14
C PHE A 200 -7.97 25.10 11.65
N GLU A 201 -7.62 26.31 12.12
CA GLU A 201 -7.76 26.80 13.52
C GLU A 201 -8.21 28.27 13.52
N LYS A 202 -9.20 28.60 14.36
CA LYS A 202 -9.82 29.96 14.52
C LYS A 202 -8.86 31.06 14.04
N ASP A 207 -11.31 38.90 10.74
CA ASP A 207 -11.79 37.52 10.48
C ASP A 207 -10.61 36.56 10.27
N ALA A 208 -9.44 36.85 10.86
CA ALA A 208 -8.15 36.17 10.59
C ALA A 208 -8.19 34.73 11.12
N VAL A 209 -8.20 33.74 10.21
CA VAL A 209 -8.16 32.28 10.51
C VAL A 209 -6.78 31.74 10.10
N VAL A 210 -6.42 30.54 10.55
CA VAL A 210 -5.05 29.94 10.41
C VAL A 210 -5.11 28.72 9.50
N TYR A 211 -4.41 28.75 8.35
CA TYR A 211 -4.29 27.63 7.38
C TYR A 211 -3.04 26.82 7.70
N ARG A 212 -3.17 25.49 7.83
CA ARG A 212 -2.09 24.55 8.22
C ARG A 212 -2.03 23.38 7.22
N GLY A 213 -1.07 23.40 6.30
CA GLY A 213 -0.91 22.37 5.24
C GLY A 213 0.20 21.40 5.58
N THR A 214 -0.11 20.09 5.50
CA THR A 214 0.83 18.96 5.79
C THR A 214 2.01 18.99 4.80
N THR A 215 1.83 19.66 3.66
CA THR A 215 2.85 19.91 2.62
C THR A 215 2.98 21.42 2.44
N THR A 216 4.19 21.99 2.56
CA THR A 216 4.45 23.45 2.39
C THR A 216 4.15 23.84 0.94
N TYR A 217 3.14 24.68 0.73
CA TYR A 217 2.76 25.19 -0.61
C TYR A 217 2.24 26.63 -0.49
N LYS A 218 2.63 27.48 -1.44
CA LYS A 218 2.24 28.90 -1.52
C LYS A 218 0.74 29.00 -1.79
N LEU A 219 -0.05 29.41 -0.79
CA LEU A 219 -1.54 29.47 -0.82
C LEU A 219 -1.98 30.29 -2.05
N ASN A 220 -2.84 29.70 -2.89
CA ASN A 220 -3.39 30.31 -4.13
C ASN A 220 -4.82 30.77 -3.87
N VAL A 221 -5.15 32.02 -4.25
CA VAL A 221 -6.55 32.54 -4.27
C VAL A 221 -7.29 31.85 -5.43
N GLY A 222 -8.43 31.23 -5.13
CA GLY A 222 -9.25 30.48 -6.11
C GLY A 222 -9.22 28.99 -5.85
N ASP A 223 -8.08 28.44 -5.43
CA ASP A 223 -7.96 27.01 -5.06
C ASP A 223 -8.95 26.73 -3.91
N TYR A 224 -9.43 25.48 -3.85
CA TYR A 224 -10.55 25.03 -2.99
C TYR A 224 -10.20 23.67 -2.34
N PHE A 225 -10.89 23.31 -1.25
CA PHE A 225 -10.66 22.06 -0.48
C PHE A 225 -11.96 21.24 -0.38
N VAL A 226 -11.82 19.97 0.01
CA VAL A 226 -12.96 19.04 0.30
C VAL A 226 -12.49 18.00 1.34
N LEU A 227 -13.35 17.63 2.30
CA LEU A 227 -13.01 16.69 3.40
C LEU A 227 -12.61 15.33 2.82
N THR A 228 -11.60 14.71 3.44
CA THR A 228 -10.97 13.42 3.02
C THR A 228 -11.99 12.28 3.19
N SER A 229 -12.82 12.05 2.17
CA SER A 229 -13.86 10.99 2.13
C SER A 229 -13.28 9.74 1.45
N HIS A 230 -12.60 8.87 2.22
CA HIS A 230 -12.03 7.59 1.74
C HIS A 230 -13.15 6.54 1.64
N THR A 231 -13.09 5.67 0.64
CA THR A 231 -14.10 4.61 0.37
C THR A 231 -13.95 3.51 1.43
N VAL A 232 -15.07 3.14 2.07
CA VAL A 232 -15.15 2.09 3.12
C VAL A 232 -15.07 0.72 2.46
N MET A 233 -14.04 -0.06 2.79
CA MET A 233 -13.86 -1.44 2.28
C MET A 233 -14.67 -2.40 3.14
N PRO A 234 -15.05 -3.59 2.60
CA PRO A 234 -15.79 -4.58 3.39
C PRO A 234 -14.90 -5.21 4.48
N LEU A 235 -15.50 -5.59 5.59
CA LEU A 235 -14.80 -6.22 6.73
C LEU A 235 -15.02 -7.73 6.61
N SER A 236 -13.94 -8.51 6.72
CA SER A 236 -13.95 -9.99 6.63
C SER A 236 -13.61 -10.60 8.00
N ALA A 237 -12.52 -10.13 8.63
CA ALA A 237 -11.99 -10.66 9.91
C ALA A 237 -12.83 -10.14 11.07
N PRO A 238 -13.02 -10.94 12.15
CA PRO A 238 -13.75 -10.46 13.32
C PRO A 238 -13.02 -9.28 13.99
N THR A 239 -13.69 -8.62 14.94
CA THR A 239 -13.06 -7.56 15.77
C THR A 239 -11.97 -8.23 16.62
N LEU A 240 -12.35 -9.33 17.29
CA LEU A 240 -11.51 -10.21 18.13
C LEU A 240 -11.56 -11.63 17.57
N VAL A 241 -10.41 -12.21 17.21
CA VAL A 241 -10.34 -13.66 16.86
C VAL A 241 -10.86 -14.47 18.04
N PRO A 242 -11.40 -15.69 17.84
CA PRO A 242 -11.94 -16.47 18.96
C PRO A 242 -10.78 -16.71 19.94
N GLN A 243 -11.05 -16.65 21.26
CA GLN A 243 -10.02 -16.83 22.32
C GLN A 243 -9.54 -18.28 22.29
N GLU A 244 -8.22 -18.48 22.45
CA GLU A 244 -7.58 -19.80 22.73
C GLU A 244 -6.71 -19.67 23.97
N HIS A 245 -6.90 -20.58 24.94
CA HIS A 245 -6.02 -20.74 26.12
C HIS A 245 -5.12 -21.95 25.89
N TYR A 246 -3.84 -21.80 26.23
CA TYR A 246 -2.80 -22.84 26.08
C TYR A 246 -2.31 -23.23 27.48
N VAL A 247 -1.80 -24.45 27.59
CA VAL A 247 -1.24 -25.06 28.84
C VAL A 247 0.22 -24.60 28.98
N ARG A 248 0.86 -24.26 27.87
CA ARG A 248 2.27 -23.80 27.77
C ARG A 248 2.38 -22.64 26.77
N ILE A 249 3.41 -21.81 26.94
CA ILE A 249 3.77 -20.68 26.02
C ILE A 249 3.94 -21.24 24.61
N THR A 250 3.14 -20.76 23.65
CA THR A 250 3.00 -21.35 22.29
C THR A 250 3.76 -20.47 21.29
N GLY A 251 4.64 -21.07 20.49
CA GLY A 251 5.32 -20.44 19.33
C GLY A 251 6.17 -19.24 19.71
N LEU A 252 6.48 -19.08 20.99
CA LEU A 252 7.37 -18.01 21.53
C LEU A 252 8.44 -18.71 22.38
N TYR A 253 9.65 -18.14 22.43
CA TYR A 253 10.82 -18.72 23.14
C TYR A 253 11.38 -17.68 24.12
N PRO A 254 11.02 -17.80 25.43
CA PRO A 254 11.43 -16.82 26.44
C PRO A 254 12.91 -16.95 26.81
N THR A 255 13.57 -15.83 27.14
CA THR A 255 14.90 -15.85 27.81
C THR A 255 14.68 -16.19 29.29
N LEU A 256 15.74 -16.62 29.97
CA LEU A 256 15.79 -16.82 31.45
C LEU A 256 16.65 -15.72 32.08
N ASN A 257 17.51 -15.09 31.27
CA ASN A 257 18.18 -13.81 31.56
C ASN A 257 17.28 -12.66 31.05
N ILE A 258 16.40 -12.14 31.93
CA ILE A 258 15.46 -11.02 31.64
C ILE A 258 15.83 -9.85 32.57
N SER A 259 16.26 -8.71 31.98
CA SER A 259 16.66 -7.46 32.67
C SER A 259 15.71 -7.17 33.84
N ASP A 260 16.25 -6.83 35.02
CA ASP A 260 15.49 -6.56 36.26
C ASP A 260 14.47 -5.45 36.01
N GLU A 261 14.77 -4.52 35.08
CA GLU A 261 13.85 -3.45 34.59
C GLU A 261 12.46 -4.02 34.28
N PHE A 262 12.39 -5.23 33.70
CA PHE A 262 11.16 -5.89 33.17
C PHE A 262 10.83 -7.17 33.95
N SER A 263 11.33 -7.31 35.18
CA SER A 263 11.08 -8.49 36.07
C SER A 263 9.63 -8.49 36.55
N SER A 264 9.08 -7.31 36.80
CA SER A 264 7.69 -7.12 37.32
C SER A 264 6.69 -7.74 36.34
N ASN A 265 7.00 -7.69 35.04
CA ASN A 265 6.06 -8.02 33.92
C ASN A 265 6.23 -9.47 33.44
N VAL A 266 7.07 -10.29 34.08
CA VAL A 266 7.42 -11.65 33.57
C VAL A 266 6.15 -12.52 33.57
N ALA A 267 5.39 -12.55 34.66
CA ALA A 267 4.19 -13.42 34.81
C ALA A 267 3.15 -13.03 33.74
N ASN A 268 2.97 -11.73 33.51
CA ASN A 268 2.04 -11.20 32.47
C ASN A 268 2.56 -11.54 31.06
N TYR A 269 3.89 -11.53 30.84
CA TYR A 269 4.51 -11.88 29.54
C TYR A 269 4.25 -13.37 29.23
N GLN A 270 4.28 -14.23 30.26
CA GLN A 270 3.99 -15.68 30.15
C GLN A 270 2.49 -15.88 29.89
N LYS A 271 1.64 -15.09 30.54
CA LYS A 271 0.17 -15.05 30.29
C LYS A 271 -0.07 -14.77 28.80
N VAL A 272 0.64 -13.79 28.22
CA VAL A 272 0.55 -13.36 26.78
C VAL A 272 0.80 -14.58 25.88
N GLY A 273 1.81 -15.41 26.21
CA GLY A 273 2.25 -16.59 25.43
C GLY A 273 1.30 -17.77 25.56
N MET A 274 0.47 -17.81 26.60
CA MET A 274 -0.40 -18.97 26.92
C MET A 274 -1.86 -18.65 26.58
N GLN A 275 -2.11 -17.59 25.80
CA GLN A 275 -3.45 -17.19 25.31
C GLN A 275 -3.29 -16.68 23.87
N LYS A 276 -4.34 -16.78 23.04
CA LYS A 276 -4.34 -16.25 21.65
C LYS A 276 -4.26 -14.72 21.72
N TYR A 277 -5.15 -14.11 22.49
CA TYR A 277 -5.17 -12.64 22.71
C TYR A 277 -5.27 -12.37 24.20
N SER A 278 -4.76 -11.21 24.62
CA SER A 278 -4.78 -10.75 26.02
C SER A 278 -5.01 -9.24 26.05
N THR A 279 -5.68 -8.77 27.12
CA THR A 279 -6.08 -7.36 27.33
C THR A 279 -5.30 -6.80 28.53
N LEU A 280 -4.67 -5.64 28.34
CA LEU A 280 -3.96 -4.89 29.42
C LEU A 280 -4.62 -3.53 29.64
N GLN A 281 -5.25 -3.35 30.81
CA GLN A 281 -5.67 -2.01 31.29
C GLN A 281 -4.50 -1.38 32.06
N GLY A 282 -3.94 -0.32 31.49
CA GLY A 282 -2.92 0.53 32.13
C GLY A 282 -3.40 1.97 32.29
N PRO A 283 -3.91 2.37 33.49
CA PRO A 283 -4.09 3.78 33.85
C PRO A 283 -2.89 4.63 33.48
N PRO A 284 -3.03 5.98 33.43
CA PRO A 284 -1.93 6.84 33.01
C PRO A 284 -0.66 6.56 33.82
N GLY A 285 0.47 6.41 33.12
CA GLY A 285 1.83 6.37 33.68
C GLY A 285 2.06 5.14 34.54
N THR A 286 1.46 4.01 34.17
CA THR A 286 1.58 2.72 34.89
C THR A 286 2.52 1.78 34.15
N GLY A 287 3.10 2.23 33.03
CA GLY A 287 4.12 1.47 32.28
C GLY A 287 3.51 0.59 31.18
N LYS A 288 2.69 1.16 30.30
CA LYS A 288 2.18 0.45 29.09
C LYS A 288 3.35 0.32 28.08
N SER A 289 4.01 1.41 27.68
CA SER A 289 5.09 1.39 26.66
C SER A 289 6.17 0.41 27.13
N HIS A 290 6.52 0.51 28.42
CA HIS A 290 7.56 -0.28 29.10
C HIS A 290 7.19 -1.76 28.98
N PHE A 291 5.93 -2.07 29.22
CA PHE A 291 5.39 -3.44 29.09
C PHE A 291 5.48 -3.94 27.65
N ALA A 292 5.08 -3.11 26.69
CA ALA A 292 5.04 -3.46 25.25
C ALA A 292 6.46 -3.76 24.73
N ILE A 293 7.43 -2.87 24.99
CA ILE A 293 8.85 -3.03 24.54
C ILE A 293 9.48 -4.17 25.34
N GLY A 294 9.17 -4.28 26.63
CA GLY A 294 9.69 -5.33 27.52
C GLY A 294 9.23 -6.72 27.11
N LEU A 295 8.17 -6.80 26.29
CA LEU A 295 7.65 -8.07 25.75
C LEU A 295 8.62 -8.59 24.68
N ALA A 296 9.31 -7.67 23.99
CA ALA A 296 10.28 -7.97 22.89
C ALA A 296 11.57 -8.55 23.49
N LEU A 297 11.98 -8.06 24.67
CA LEU A 297 13.20 -8.52 25.39
C LEU A 297 12.92 -9.86 26.10
N TYR A 298 11.66 -10.16 26.42
CA TYR A 298 11.28 -11.43 27.09
C TYR A 298 11.11 -12.56 26.06
N TYR A 299 10.61 -12.26 24.86
CA TYR A 299 10.58 -13.18 23.69
C TYR A 299 11.48 -12.60 22.61
N PRO A 300 12.83 -12.70 22.79
CA PRO A 300 13.79 -11.95 21.97
C PRO A 300 13.92 -12.36 20.49
N SER A 301 13.49 -13.57 20.10
CA SER A 301 13.52 -14.09 18.70
C SER A 301 12.21 -13.73 17.99
N ALA A 302 11.15 -13.47 18.76
CA ALA A 302 9.77 -13.24 18.27
C ALA A 302 9.73 -11.98 17.40
N ARG A 303 9.04 -12.07 16.25
CA ARG A 303 8.73 -10.91 15.37
C ARG A 303 7.49 -10.24 15.94
N ILE A 304 7.59 -8.95 16.27
CA ILE A 304 6.47 -8.19 16.86
C ILE A 304 6.13 -7.02 15.92
N VAL A 305 4.84 -6.88 15.63
CA VAL A 305 4.28 -5.70 14.93
C VAL A 305 3.54 -4.85 15.98
N TYR A 306 4.02 -3.63 16.15
CA TYR A 306 3.48 -2.61 17.08
C TYR A 306 2.57 -1.69 16.28
N THR A 307 1.31 -1.60 16.67
CA THR A 307 0.26 -0.88 15.91
C THR A 307 -0.63 -0.10 16.89
N ALA A 308 -1.23 0.98 16.38
CA ALA A 308 -2.14 1.93 17.05
C ALA A 308 -2.80 2.79 15.96
N CYS A 309 -3.96 3.39 16.25
CA CYS A 309 -4.72 4.17 15.24
C CYS A 309 -3.96 5.44 14.83
N SER A 310 -3.29 6.13 15.75
CA SER A 310 -2.64 7.45 15.47
C SER A 310 -1.13 7.29 15.23
N HIS A 311 -0.54 8.26 14.54
CA HIS A 311 0.93 8.34 14.31
C HIS A 311 1.62 8.61 15.65
N ALA A 312 1.02 9.43 16.51
CA ALA A 312 1.59 9.80 17.82
C ALA A 312 1.74 8.53 18.69
N ALA A 313 0.72 7.68 18.74
CA ALA A 313 0.74 6.46 19.57
C ALA A 313 1.88 5.56 19.09
N VAL A 314 2.01 5.37 17.77
CA VAL A 314 3.05 4.49 17.14
C VAL A 314 4.44 5.07 17.42
N ASP A 315 4.57 6.41 17.36
CA ASP A 315 5.82 7.21 17.59
C ASP A 315 6.26 7.13 19.06
N ALA A 316 5.31 7.07 20.00
CA ALA A 316 5.58 6.80 21.43
C ALA A 316 6.15 5.38 21.59
N LEU A 317 5.66 4.39 20.83
CA LEU A 317 6.17 3.00 20.95
C LEU A 317 7.57 2.93 20.32
N CYS A 318 7.82 3.74 19.27
CA CYS A 318 9.12 3.87 18.56
C CYS A 318 10.18 4.44 19.52
N GLU A 319 9.85 5.54 20.19
CA GLU A 319 10.73 6.20 21.19
C GLU A 319 11.14 5.18 22.25
N LYS A 320 10.20 4.45 22.84
CA LYS A 320 10.51 3.46 23.91
C LYS A 320 11.36 2.32 23.33
N ALA A 321 11.16 1.94 22.06
CA ALA A 321 11.92 0.84 21.41
C ALA A 321 13.36 1.27 21.12
N LEU A 322 13.54 2.51 20.67
CA LEU A 322 14.86 3.14 20.45
C LEU A 322 15.77 2.95 21.69
N LYS A 323 15.19 2.97 22.89
CA LYS A 323 15.91 2.93 24.19
C LYS A 323 16.31 1.50 24.56
N TYR A 324 15.65 0.46 24.02
CA TYR A 324 15.79 -0.93 24.53
C TYR A 324 16.01 -1.97 23.43
N LEU A 325 15.57 -1.71 22.19
CA LEU A 325 15.66 -2.70 21.08
C LEU A 325 16.69 -2.22 20.06
N PRO A 326 17.45 -3.15 19.44
CA PRO A 326 18.46 -2.79 18.44
C PRO A 326 17.85 -2.11 17.20
N ILE A 327 18.31 -0.89 16.91
CA ILE A 327 17.76 0.05 15.87
C ILE A 327 17.87 -0.57 14.47
N ASP A 328 18.59 -1.69 14.33
CA ASP A 328 18.83 -2.38 13.02
C ASP A 328 17.64 -3.28 12.70
N LYS A 329 16.94 -3.84 13.69
CA LYS A 329 15.77 -4.72 13.45
C LYS A 329 14.46 -3.94 13.70
N CYS A 330 14.46 -2.62 13.55
CA CYS A 330 13.26 -1.75 13.71
C CYS A 330 12.95 -1.02 12.40
N SER A 331 11.68 -0.97 12.04
CA SER A 331 11.17 -0.26 10.83
C SER A 331 9.86 0.47 11.15
N ARG A 332 9.85 1.79 10.92
CA ARG A 332 8.64 2.66 11.02
C ARG A 332 7.96 2.71 9.64
N ILE A 333 6.83 2.01 9.46
CA ILE A 333 6.08 1.93 8.17
C ILE A 333 5.32 3.23 7.98
N ILE A 334 5.59 3.93 6.87
CA ILE A 334 5.05 5.28 6.57
C ILE A 334 4.25 5.21 5.26
N PRO A 335 2.93 5.48 5.29
CA PRO A 335 2.10 5.43 4.08
C PRO A 335 2.54 6.46 3.03
N ALA A 336 2.77 6.00 1.80
CA ALA A 336 3.31 6.77 0.64
C ALA A 336 2.65 8.16 0.57
N ARG A 337 1.34 8.26 0.87
CA ARG A 337 0.60 9.55 1.01
C ARG A 337 0.87 10.09 2.42
N ALA A 338 2.12 10.49 2.67
CA ALA A 338 2.66 10.96 3.97
C ALA A 338 1.89 12.21 4.42
N ARG A 339 1.14 12.10 5.51
CA ARG A 339 0.29 13.19 6.06
C ARG A 339 1.18 14.07 6.96
N VAL A 340 1.31 13.77 8.25
CA VAL A 340 2.06 14.62 9.22
C VAL A 340 3.43 13.98 9.50
N GLU A 341 4.39 14.81 9.98
CA GLU A 341 5.75 14.43 10.44
C GLU A 341 5.59 13.33 11.50
N CYS A 342 6.41 12.28 11.42
CA CYS A 342 6.44 11.17 12.42
C CYS A 342 7.87 10.61 12.54
N PHE A 343 8.03 9.52 13.29
CA PHE A 343 9.32 8.98 13.78
C PHE A 343 10.30 8.82 12.62
N ASP A 344 11.53 9.37 12.76
CA ASP A 344 12.53 9.52 11.65
C ASP A 344 13.86 8.81 11.99
N LYS A 345 13.88 7.86 12.92
CA LYS A 345 15.16 7.25 13.41
C LYS A 345 15.24 5.76 13.10
N PHE A 346 14.18 5.12 12.61
CA PHE A 346 14.22 3.72 12.12
C PHE A 346 14.43 3.77 10.59
N LYS A 347 14.79 2.62 10.00
CA LYS A 347 14.70 2.40 8.54
C LYS A 347 13.21 2.47 8.18
N VAL A 348 12.83 3.25 7.17
CA VAL A 348 11.41 3.47 6.77
C VAL A 348 10.97 2.41 5.75
N ASN A 349 9.81 1.79 6.01
CA ASN A 349 9.03 0.96 5.05
C ASN A 349 9.76 -0.37 4.76
N SER A 350 10.56 -0.85 5.71
CA SER A 350 11.12 -2.22 5.69
C SER A 350 10.17 -3.13 6.47
N THR A 351 9.22 -3.73 5.76
CA THR A 351 8.14 -4.61 6.29
C THR A 351 8.71 -5.85 6.99
N LEU A 352 9.93 -6.28 6.65
CA LEU A 352 10.45 -7.62 7.05
C LEU A 352 11.35 -7.54 8.28
N GLU A 353 11.67 -6.33 8.76
CA GLU A 353 12.45 -6.13 10.02
C GLU A 353 11.69 -6.81 11.18
N GLN A 354 12.42 -7.33 12.19
CA GLN A 354 11.84 -8.08 13.35
C GLN A 354 10.77 -7.23 14.07
N TYR A 355 11.00 -5.93 14.18
CA TYR A 355 10.12 -4.94 14.86
C TYR A 355 9.60 -3.99 13.80
N VAL A 356 8.28 -3.94 13.66
CA VAL A 356 7.56 -3.06 12.71
C VAL A 356 6.58 -2.19 13.52
N PHE A 357 6.65 -0.89 13.30
CA PHE A 357 5.85 0.17 14.00
C PHE A 357 5.01 0.88 12.95
N CYS A 358 3.70 0.63 12.98
CA CYS A 358 2.78 1.07 11.90
C CYS A 358 1.37 1.37 12.43
N THR A 359 0.81 2.50 11.98
CA THR A 359 -0.62 2.86 12.20
C THR A 359 -1.50 1.80 11.53
N VAL A 360 -2.72 1.60 12.05
CA VAL A 360 -3.69 0.56 11.59
C VAL A 360 -3.98 0.75 10.09
N ASN A 361 -4.19 1.99 9.65
CA ASN A 361 -4.65 2.31 8.27
C ASN A 361 -3.54 2.06 7.25
N ALA A 362 -2.30 1.82 7.70
CA ALA A 362 -1.13 1.64 6.82
C ALA A 362 -0.51 0.24 6.98
N LEU A 363 -1.11 -0.65 7.78
CA LEU A 363 -0.57 -2.01 8.03
C LEU A 363 -0.44 -2.76 6.71
N PRO A 364 0.72 -3.40 6.44
CA PRO A 364 0.85 -4.27 5.27
C PRO A 364 0.17 -5.61 5.60
N GLU A 365 -0.03 -6.43 4.57
CA GLU A 365 -0.47 -7.83 4.75
C GLU A 365 0.76 -8.66 5.08
N THR A 366 0.90 -9.07 6.35
CA THR A 366 2.07 -9.81 6.88
C THR A 366 1.62 -10.75 8.01
N THR A 367 2.58 -11.40 8.65
CA THR A 367 2.38 -12.31 9.80
C THR A 367 3.36 -11.90 10.90
N ALA A 368 3.08 -12.36 12.12
CA ALA A 368 3.84 -12.00 13.34
C ALA A 368 3.66 -13.09 14.41
N ASP A 369 4.66 -13.22 15.27
CA ASP A 369 4.60 -14.04 16.50
C ASP A 369 3.68 -13.31 17.49
N ILE A 370 3.92 -12.01 17.68
CA ILE A 370 3.11 -11.11 18.55
C ILE A 370 2.73 -9.86 17.75
N VAL A 371 1.45 -9.48 17.85
CA VAL A 371 0.94 -8.13 17.47
C VAL A 371 0.57 -7.41 18.77
N VAL A 372 1.09 -6.19 18.94
CA VAL A 372 0.72 -5.29 20.07
C VAL A 372 -0.08 -4.14 19.47
N PHE A 373 -1.34 -4.06 19.90
CA PHE A 373 -2.28 -2.97 19.56
C PHE A 373 -2.34 -2.04 20.78
N ASP A 374 -1.82 -0.82 20.63
CA ASP A 374 -1.69 0.15 21.76
C ASP A 374 -2.78 1.24 21.61
N GLU A 375 -3.11 1.89 22.73
CA GLU A 375 -4.12 2.98 22.81
C GLU A 375 -5.47 2.43 22.35
N ILE A 376 -5.91 1.34 22.97
CA ILE A 376 -7.07 0.54 22.51
C ILE A 376 -8.38 1.32 22.75
N SER A 377 -8.42 2.29 23.66
CA SER A 377 -9.64 3.10 23.88
C SER A 377 -9.98 3.83 22.57
N MET A 378 -8.97 4.25 21.79
CA MET A 378 -9.09 5.07 20.55
C MET A 378 -9.44 4.20 19.33
N ALA A 379 -9.37 2.88 19.43
CA ALA A 379 -9.71 1.95 18.32
C ALA A 379 -11.23 1.84 18.19
N THR A 380 -11.72 1.82 16.95
CA THR A 380 -13.11 1.46 16.57
C THR A 380 -13.12 -0.04 16.23
N ASN A 381 -14.29 -0.66 16.18
CA ASN A 381 -14.44 -2.08 15.74
C ASN A 381 -13.96 -2.20 14.28
N TYR A 382 -14.12 -1.17 13.46
CA TYR A 382 -13.55 -1.14 12.09
C TYR A 382 -12.03 -1.39 12.17
N ASP A 383 -11.31 -0.62 13.00
CA ASP A 383 -9.84 -0.77 13.24
C ASP A 383 -9.51 -2.17 13.79
N LEU A 384 -10.28 -2.67 14.76
CA LEU A 384 -10.07 -4.01 15.37
C LEU A 384 -10.16 -5.09 14.30
N SER A 385 -11.08 -4.94 13.34
CA SER A 385 -11.31 -5.89 12.23
C SER A 385 -10.16 -5.80 11.23
N VAL A 386 -9.79 -4.60 10.79
CA VAL A 386 -8.71 -4.36 9.80
C VAL A 386 -7.42 -5.04 10.29
N VAL A 387 -7.09 -4.91 11.57
CA VAL A 387 -5.84 -5.47 12.16
C VAL A 387 -5.88 -6.99 12.00
N ASN A 388 -6.98 -7.65 12.36
CA ASN A 388 -7.14 -9.12 12.22
C ASN A 388 -7.02 -9.54 10.74
N ALA A 389 -7.45 -8.67 9.82
CA ALA A 389 -7.50 -8.95 8.36
C ALA A 389 -6.11 -8.80 7.73
N ARG A 390 -5.26 -7.91 8.24
CA ARG A 390 -3.93 -7.60 7.63
C ARG A 390 -2.78 -8.36 8.35
N LEU A 391 -2.95 -8.73 9.62
CA LEU A 391 -1.89 -9.40 10.43
C LEU A 391 -2.43 -10.73 10.96
N ARG A 392 -1.87 -11.85 10.47
CA ARG A 392 -2.07 -13.21 11.05
C ARG A 392 -0.91 -13.47 12.01
N ALA A 393 -1.23 -13.64 13.30
CA ALA A 393 -0.26 -13.67 14.42
C ALA A 393 -0.56 -14.82 15.40
N LYS A 394 0.48 -15.33 16.06
CA LYS A 394 0.33 -16.37 17.11
C LYS A 394 -0.37 -15.76 18.33
N HIS A 395 -0.05 -14.50 18.66
CA HIS A 395 -0.56 -13.76 19.84
C HIS A 395 -0.85 -12.28 19.56
N TYR A 396 -2.01 -11.83 20.03
CA TYR A 396 -2.52 -10.44 19.91
C TYR A 396 -2.58 -9.82 21.30
N VAL A 397 -1.93 -8.67 21.51
CA VAL A 397 -1.94 -7.96 22.82
C VAL A 397 -2.61 -6.59 22.66
N TYR A 398 -3.74 -6.41 23.33
CA TYR A 398 -4.53 -5.16 23.34
C TYR A 398 -4.18 -4.37 24.60
N ILE A 399 -3.48 -3.26 24.40
CA ILE A 399 -3.04 -2.34 25.49
C ILE A 399 -3.78 -1.00 25.36
N GLY A 400 -4.44 -0.60 26.45
CA GLY A 400 -4.88 0.79 26.64
C GLY A 400 -5.63 0.92 27.94
N ASP A 401 -6.69 1.74 27.95
CA ASP A 401 -7.40 2.08 29.22
C ASP A 401 -8.79 2.57 28.85
N PRO A 402 -9.86 1.85 29.22
CA PRO A 402 -11.22 2.31 28.93
C PRO A 402 -11.61 3.57 29.72
N ALA A 403 -10.79 3.99 30.68
CA ALA A 403 -11.05 5.23 31.46
C ALA A 403 -10.44 6.45 30.74
N GLN A 404 -9.82 6.23 29.58
CA GLN A 404 -9.28 7.32 28.73
C GLN A 404 -10.18 7.51 27.51
N LEU A 405 -9.75 8.38 26.59
CA LEU A 405 -10.63 8.92 25.55
C LEU A 405 -10.78 7.94 24.38
N PRO A 406 -12.01 7.84 23.81
CA PRO A 406 -12.25 7.07 22.60
C PRO A 406 -12.07 7.90 21.33
N ALA A 407 -12.11 7.23 20.17
CA ALA A 407 -12.15 7.87 18.82
C ALA A 407 -13.37 8.78 18.77
N PRO A 408 -13.24 9.99 18.20
CA PRO A 408 -14.39 10.87 18.04
C PRO A 408 -15.36 10.18 17.08
N ARG A 409 -16.65 10.13 17.45
CA ARG A 409 -17.75 9.65 16.57
C ARG A 409 -18.47 10.87 16.01
N THR A 410 -18.04 11.34 14.84
CA THR A 410 -18.46 12.63 14.24
C THR A 410 -19.99 12.68 14.13
N LEU A 411 -20.68 11.55 13.95
CA LEU A 411 -22.16 11.56 13.72
C LEU A 411 -22.94 11.53 15.04
N LEU A 412 -22.37 10.97 16.11
CA LEU A 412 -23.03 10.87 17.44
C LEU A 412 -23.22 12.27 18.01
N THR A 413 -24.48 12.69 18.23
CA THR A 413 -24.85 13.98 18.84
C THR A 413 -25.83 13.77 19.99
N LYS A 414 -26.42 12.59 20.13
CA LYS A 414 -27.41 12.38 21.22
C LYS A 414 -26.98 11.22 22.11
N GLY A 415 -26.78 11.49 23.40
CA GLY A 415 -26.34 10.51 24.39
C GLY A 415 -24.82 10.47 24.44
N THR A 416 -24.27 10.00 25.55
CA THR A 416 -22.81 9.82 25.72
C THR A 416 -22.50 8.33 25.59
N LEU A 417 -21.45 8.01 24.86
CA LEU A 417 -20.95 6.65 24.63
C LEU A 417 -20.11 6.20 25.84
N GLU A 418 -20.61 5.26 26.62
CA GLU A 418 -19.89 4.72 27.81
C GLU A 418 -18.71 3.88 27.34
N PRO A 419 -17.65 3.72 28.19
CA PRO A 419 -16.46 2.95 27.82
C PRO A 419 -16.69 1.48 27.43
N GLU A 420 -17.69 0.83 28.03
CA GLU A 420 -18.00 -0.57 27.70
C GLU A 420 -18.48 -0.66 26.24
N TYR A 421 -18.76 0.46 25.59
CA TYR A 421 -19.30 0.51 24.20
C TYR A 421 -18.27 1.08 23.21
N PHE A 422 -17.05 1.43 23.66
CA PHE A 422 -16.00 2.01 22.80
C PHE A 422 -15.67 1.04 21.65
N ASN A 423 -15.42 -0.23 21.98
CA ASN A 423 -15.06 -1.30 21.00
C ASN A 423 -15.16 -2.64 21.74
N SER A 424 -14.85 -3.77 21.09
CA SER A 424 -15.00 -5.12 21.69
C SER A 424 -14.01 -5.29 22.87
N VAL A 425 -12.78 -4.82 22.68
CA VAL A 425 -11.70 -4.94 23.71
C VAL A 425 -12.15 -4.19 24.98
N CYS A 426 -12.53 -2.92 24.86
CA CYS A 426 -13.03 -2.10 26.00
C CYS A 426 -14.24 -2.79 26.63
N ARG A 427 -15.17 -3.29 25.82
CA ARG A 427 -16.35 -4.04 26.31
C ARG A 427 -15.86 -5.20 27.19
N LEU A 428 -14.91 -6.01 26.71
CA LEU A 428 -14.39 -7.14 27.52
C LEU A 428 -13.82 -6.56 28.81
N MET A 429 -12.99 -5.51 28.70
CA MET A 429 -12.29 -4.86 29.85
C MET A 429 -13.32 -4.39 30.89
N LYS A 430 -14.48 -3.90 30.47
CA LYS A 430 -15.45 -3.24 31.38
C LYS A 430 -16.46 -4.25 31.94
N THR A 431 -16.56 -5.43 31.34
CA THR A 431 -17.56 -6.47 31.73
C THR A 431 -16.86 -7.56 32.55
N ILE A 432 -15.98 -8.36 31.91
CA ILE A 432 -15.27 -9.51 32.53
C ILE A 432 -13.95 -9.06 33.16
N GLY A 433 -13.59 -7.77 33.05
CA GLY A 433 -12.30 -7.25 33.52
C GLY A 433 -11.19 -7.49 32.51
N PRO A 434 -10.06 -6.75 32.59
CA PRO A 434 -8.92 -7.02 31.71
C PRO A 434 -8.16 -8.25 32.21
N ASP A 435 -7.32 -8.85 31.37
CA ASP A 435 -6.49 -10.02 31.78
C ASP A 435 -5.43 -9.55 32.76
N MET A 436 -4.90 -8.35 32.51
CA MET A 436 -3.72 -7.78 33.19
C MET A 436 -4.01 -6.30 33.48
N PHE A 437 -3.81 -5.86 34.72
CA PHE A 437 -3.98 -4.46 35.18
C PHE A 437 -2.62 -3.96 35.69
N LEU A 438 -2.16 -2.79 35.22
CA LEU A 438 -1.01 -2.08 35.82
C LEU A 438 -1.52 -1.15 36.95
N GLY A 439 -1.29 -1.56 38.20
CA GLY A 439 -1.97 -0.99 39.39
C GLY A 439 -1.27 0.22 40.00
N THR A 440 -0.06 0.59 39.54
CA THR A 440 0.76 1.64 40.20
C THR A 440 1.13 2.71 39.19
N CYS A 441 0.57 3.90 39.39
CA CYS A 441 0.92 5.12 38.63
C CYS A 441 2.28 5.65 39.12
N ARG A 442 3.28 5.74 38.24
CA ARG A 442 4.63 6.24 38.57
C ARG A 442 4.79 7.69 38.12
N ARG A 443 3.80 8.28 37.46
CA ARG A 443 3.97 9.62 36.83
C ARG A 443 3.50 10.70 37.80
N CYS A 444 2.33 10.53 38.41
CA CYS A 444 1.54 11.68 38.92
C CYS A 444 1.74 11.82 40.41
N PRO A 445 1.73 13.07 40.91
CA PRO A 445 1.70 13.33 42.35
C PRO A 445 0.45 12.66 42.91
N ALA A 446 0.50 12.24 44.17
CA ALA A 446 -0.54 11.40 44.80
C ALA A 446 -1.92 12.09 44.77
N GLU A 447 -1.97 13.41 44.84
CA GLU A 447 -3.26 14.16 44.83
C GLU A 447 -4.03 13.75 43.56
N ILE A 448 -3.36 13.71 42.42
CA ILE A 448 -3.94 13.34 41.10
C ILE A 448 -4.27 11.85 41.09
N VAL A 449 -3.36 11.00 41.55
CA VAL A 449 -3.57 9.52 41.54
C VAL A 449 -4.79 9.21 42.42
N ASP A 450 -4.87 9.81 43.62
CA ASP A 450 -5.96 9.52 44.58
C ASP A 450 -7.28 9.97 43.94
N THR A 451 -7.28 11.07 43.21
CA THR A 451 -8.51 11.65 42.62
C THR A 451 -9.07 10.71 41.54
N VAL A 452 -8.22 10.32 40.58
CA VAL A 452 -8.69 9.51 39.41
C VAL A 452 -8.91 8.06 39.88
N SER A 453 -8.16 7.58 40.85
CA SER A 453 -8.33 6.21 41.42
C SER A 453 -9.77 6.05 41.89
N ALA A 454 -10.27 7.03 42.63
CA ALA A 454 -11.65 7.04 43.18
C ALA A 454 -12.66 7.33 42.06
N LEU A 455 -12.30 8.17 41.08
CA LEU A 455 -13.21 8.61 39.99
C LEU A 455 -13.46 7.48 38.99
N VAL A 456 -12.44 6.81 38.47
CA VAL A 456 -12.64 5.90 37.31
C VAL A 456 -12.03 4.51 37.54
N TYR A 457 -11.27 4.29 38.61
CA TYR A 457 -10.49 3.02 38.78
C TYR A 457 -10.95 2.21 39.99
N ASP A 458 -12.15 2.47 40.53
CA ASP A 458 -12.69 1.76 41.72
C ASP A 458 -11.57 1.60 42.76
N ASN A 459 -10.78 2.66 42.99
CA ASN A 459 -9.75 2.74 44.04
C ASN A 459 -8.65 1.68 43.87
N LYS A 460 -8.49 1.07 42.69
CA LYS A 460 -7.47 0.01 42.45
C LYS A 460 -6.16 0.62 41.94
N LEU A 461 -6.13 1.91 41.58
CA LEU A 461 -4.89 2.60 41.13
C LEU A 461 -4.20 3.16 42.38
N LYS A 462 -2.91 2.87 42.52
CA LYS A 462 -2.06 3.28 43.68
C LYS A 462 -0.99 4.27 43.19
N ALA A 463 -0.63 5.20 44.06
CA ALA A 463 0.39 6.25 43.85
C ALA A 463 1.76 5.70 44.24
N HIS A 464 2.72 5.82 43.35
CA HIS A 464 4.13 5.61 43.69
C HIS A 464 4.69 6.91 44.28
N LYS A 465 4.46 8.04 43.60
CA LYS A 465 4.97 9.36 44.07
C LYS A 465 4.25 9.74 45.36
N ASP A 466 4.91 10.59 46.13
CA ASP A 466 4.30 11.33 47.27
C ASP A 466 3.40 12.41 46.68
N LYS A 467 2.42 12.89 47.45
CA LYS A 467 1.77 14.21 47.20
C LYS A 467 2.85 15.25 46.87
N SER A 468 2.70 16.02 45.79
CA SER A 468 3.71 17.00 45.37
C SER A 468 3.56 18.30 46.17
N ALA A 469 2.40 18.51 46.80
CA ALA A 469 1.92 19.80 47.36
C ALA A 469 1.99 20.92 46.30
N GLN A 470 1.84 20.57 45.02
CA GLN A 470 1.83 21.51 43.86
C GLN A 470 0.61 21.24 42.98
N CYS A 471 -0.47 20.72 43.56
CA CYS A 471 -1.74 20.43 42.86
C CYS A 471 -2.80 21.34 43.46
N PHE A 472 -3.24 22.32 42.67
CA PHE A 472 -4.19 23.38 43.09
C PHE A 472 -5.47 23.32 42.26
N LYS A 473 -6.58 23.61 42.91
CA LYS A 473 -7.90 23.71 42.27
C LYS A 473 -8.45 25.10 42.61
N MET A 474 -9.16 25.70 41.67
CA MET A 474 -9.88 26.96 41.92
C MET A 474 -11.21 26.84 41.21
N PHE A 475 -12.29 27.08 41.95
CA PHE A 475 -13.67 27.09 41.44
C PHE A 475 -13.99 28.52 40.98
N TYR A 476 -14.01 28.72 39.67
CA TYR A 476 -14.15 30.05 39.04
C TYR A 476 -14.92 29.92 37.72
N LYS A 477 -16.23 30.18 37.75
CA LYS A 477 -17.13 29.94 36.59
C LYS A 477 -16.82 30.94 35.47
N GLY A 478 -16.41 32.16 35.81
CA GLY A 478 -15.98 33.15 34.80
C GLY A 478 -17.10 33.45 33.81
N VAL A 479 -16.76 33.60 32.54
CA VAL A 479 -17.75 34.02 31.52
C VAL A 479 -17.47 33.19 30.28
N ILE A 480 -18.49 32.56 29.72
CA ILE A 480 -18.29 31.66 28.57
C ILE A 480 -18.74 32.40 27.31
N THR A 481 -17.81 32.62 26.40
CA THR A 481 -18.08 33.13 25.04
C THR A 481 -17.87 31.94 24.12
N HIS A 482 -18.44 32.00 22.92
CA HIS A 482 -18.38 30.91 21.94
C HIS A 482 -17.84 31.47 20.63
N ASP A 483 -16.82 30.81 20.09
CA ASP A 483 -16.33 30.94 18.70
C ASP A 483 -17.04 29.84 17.90
N VAL A 484 -18.20 30.17 17.33
CA VAL A 484 -19.14 29.21 16.68
C VAL A 484 -19.66 28.28 17.79
N SER A 485 -19.10 27.08 17.95
CA SER A 485 -19.46 26.09 19.01
C SER A 485 -18.34 25.97 20.06
N SER A 486 -17.07 26.00 19.62
CA SER A 486 -15.87 25.88 20.50
C SER A 486 -15.88 27.06 21.51
N ALA A 487 -15.63 26.79 22.79
CA ALA A 487 -15.91 27.73 23.91
C ALA A 487 -14.63 28.44 24.32
N ILE A 488 -14.78 29.64 24.88
CA ILE A 488 -13.70 30.50 25.44
C ILE A 488 -14.17 30.94 26.82
N ASN A 489 -13.25 31.00 27.79
CA ASN A 489 -13.51 31.60 29.13
C ASN A 489 -12.35 32.53 29.47
N ARG A 490 -12.44 33.80 29.05
CA ARG A 490 -11.35 34.79 29.21
C ARG A 490 -11.07 35.01 30.69
N PRO A 491 -12.07 35.19 31.57
CA PRO A 491 -11.75 35.35 32.99
C PRO A 491 -10.95 34.16 33.58
N GLN A 492 -11.21 32.93 33.12
CA GLN A 492 -10.45 31.74 33.61
C GLN A 492 -8.99 31.88 33.14
N ILE A 493 -8.76 32.44 31.96
CA ILE A 493 -7.37 32.74 31.49
C ILE A 493 -6.80 33.91 32.30
N GLY A 494 -7.64 34.87 32.69
CA GLY A 494 -7.19 36.01 33.50
C GLY A 494 -6.70 35.57 34.86
N VAL A 495 -7.44 34.67 35.50
CA VAL A 495 -7.04 34.02 36.79
C VAL A 495 -5.70 33.30 36.60
N VAL A 496 -5.47 32.61 35.47
CA VAL A 496 -4.18 31.91 35.21
C VAL A 496 -3.07 32.96 35.09
N ARG A 497 -3.29 34.00 34.29
CA ARG A 497 -2.30 35.09 34.11
C ARG A 497 -1.88 35.61 35.50
N GLU A 498 -2.83 35.82 36.39
CA GLU A 498 -2.57 36.36 37.75
C GLU A 498 -1.73 35.35 38.54
N PHE A 499 -2.07 34.06 38.46
CA PHE A 499 -1.37 32.96 39.16
C PHE A 499 0.07 32.84 38.65
N LEU A 500 0.29 33.02 37.34
CA LEU A 500 1.62 32.87 36.74
C LEU A 500 2.59 33.94 37.27
N THR A 501 2.11 35.17 37.54
CA THR A 501 2.97 36.27 38.05
C THR A 501 3.44 35.87 39.45
N ARG A 502 2.55 35.32 40.27
CA ARG A 502 2.85 34.95 41.69
C ARG A 502 3.57 33.60 41.75
N ASN A 503 3.60 32.82 40.66
CA ASN A 503 4.17 31.44 40.67
C ASN A 503 5.08 31.23 39.47
N PRO A 504 6.11 32.08 39.25
CA PRO A 504 6.87 32.09 38.00
C PRO A 504 7.52 30.76 37.59
N ALA A 505 7.60 29.80 38.51
CA ALA A 505 8.08 28.42 38.21
C ALA A 505 7.14 27.74 37.21
N TRP A 506 5.86 28.12 37.20
CA TRP A 506 4.78 27.52 36.38
C TRP A 506 4.83 28.03 34.94
N ARG A 507 5.80 28.88 34.58
CA ARG A 507 5.94 29.47 33.23
C ARG A 507 6.36 28.40 32.23
N LYS A 508 6.83 27.26 32.73
CA LYS A 508 7.18 26.07 31.93
C LYS A 508 5.93 25.18 31.74
N ALA A 509 4.75 25.59 32.24
CA ALA A 509 3.52 24.77 32.22
C ALA A 509 2.98 24.66 30.79
N VAL A 510 2.45 23.49 30.45
CA VAL A 510 1.54 23.29 29.28
C VAL A 510 0.17 23.71 29.73
N PHE A 511 -0.48 24.56 28.94
CA PHE A 511 -1.90 24.98 29.10
C PHE A 511 -2.81 23.94 28.44
N ILE A 512 -3.80 23.43 29.19
CA ILE A 512 -4.73 22.39 28.67
C ILE A 512 -6.16 22.81 28.99
N SER A 513 -7.03 22.63 28.00
CA SER A 513 -8.49 22.93 28.09
C SER A 513 -9.20 22.00 27.13
N PRO A 514 -10.50 21.77 27.33
CA PRO A 514 -11.26 20.93 26.41
C PRO A 514 -11.61 21.57 25.04
N TYR A 515 -11.20 22.82 24.77
CA TYR A 515 -11.61 23.60 23.56
C TYR A 515 -10.42 24.27 22.87
N ASN A 516 -10.36 24.15 21.53
CA ASN A 516 -9.31 24.78 20.69
C ASN A 516 -9.37 26.30 20.81
N SER A 517 -10.55 26.89 20.88
CA SER A 517 -10.71 28.36 20.90
C SER A 517 -10.16 28.91 22.22
N GLN A 518 -10.47 28.23 23.35
CA GLN A 518 -9.89 28.56 24.68
C GLN A 518 -8.36 28.51 24.58
N ASN A 519 -7.83 27.47 23.93
CA ASN A 519 -6.36 27.22 23.76
C ASN A 519 -5.76 28.32 22.89
N ALA A 520 -6.49 28.77 21.87
CA ALA A 520 -6.03 29.83 20.94
C ALA A 520 -5.86 31.13 21.71
N VAL A 521 -6.83 31.46 22.58
CA VAL A 521 -6.83 32.71 23.39
C VAL A 521 -5.72 32.65 24.46
N ALA A 522 -5.55 31.52 25.17
CA ALA A 522 -4.53 31.33 26.22
C ALA A 522 -3.13 31.37 25.59
N SER A 523 -2.97 30.83 24.38
CA SER A 523 -1.67 30.90 23.66
C SER A 523 -1.24 32.35 23.50
N LYS A 524 -2.15 33.23 23.07
CA LYS A 524 -1.87 34.65 22.75
C LYS A 524 -1.70 35.46 24.05
N ILE A 525 -2.45 35.17 25.11
CA ILE A 525 -2.42 35.97 26.37
C ILE A 525 -1.32 35.46 27.32
N LEU A 526 -1.17 34.13 27.48
CA LEU A 526 -0.25 33.51 28.48
C LEU A 526 1.12 33.22 27.85
N GLY A 527 1.16 32.90 26.56
CA GLY A 527 2.38 32.48 25.84
C GLY A 527 2.80 31.06 26.17
N LEU A 528 2.01 30.34 26.97
CA LEU A 528 2.29 28.90 27.30
C LEU A 528 2.06 28.07 26.05
N PRO A 529 2.74 26.93 25.87
CA PRO A 529 2.37 25.99 24.84
C PRO A 529 1.01 25.39 25.25
N THR A 530 0.26 24.93 24.26
CA THR A 530 -1.20 24.71 24.35
C THR A 530 -1.54 23.32 23.82
N GLN A 531 -2.50 22.65 24.43
CA GLN A 531 -2.93 21.29 24.06
C GLN A 531 -4.39 21.09 24.49
N THR A 532 -5.24 20.53 23.62
CA THR A 532 -6.60 20.08 24.02
C THR A 532 -6.41 18.85 24.89
N VAL A 533 -7.35 18.55 25.78
CA VAL A 533 -7.25 17.29 26.57
C VAL A 533 -6.99 16.12 25.59
N ASP A 534 -7.80 16.00 24.54
CA ASP A 534 -7.82 14.85 23.60
C ASP A 534 -6.43 14.70 22.95
N SER A 535 -5.77 15.79 22.53
CA SER A 535 -4.41 15.74 21.93
C SER A 535 -3.32 15.58 23.00
N SER A 536 -3.63 15.83 24.28
CA SER A 536 -2.69 15.63 25.41
C SER A 536 -2.51 14.13 25.71
N GLN A 537 -3.49 13.30 25.35
CA GLN A 537 -3.52 11.87 25.71
C GLN A 537 -2.21 11.20 25.25
N GLY A 538 -1.61 10.38 26.12
CA GLY A 538 -0.31 9.71 25.90
C GLY A 538 0.92 10.54 26.32
N SER A 539 0.80 11.86 26.47
CA SER A 539 1.89 12.82 26.76
C SER A 539 1.93 13.12 28.26
N GLU A 540 3.10 13.48 28.77
CA GLU A 540 3.27 13.93 30.18
C GLU A 540 4.10 15.21 30.21
N TYR A 541 3.79 16.09 31.14
CA TYR A 541 4.45 17.39 31.35
C TYR A 541 4.66 17.59 32.84
N ASP A 542 5.72 18.30 33.23
CA ASP A 542 6.04 18.56 34.66
C ASP A 542 4.88 19.31 35.28
N TYR A 543 4.51 20.43 34.66
CA TYR A 543 3.40 21.32 35.13
C TYR A 543 2.30 21.42 34.06
N VAL A 544 1.05 21.31 34.50
CA VAL A 544 -0.14 21.44 33.62
C VAL A 544 -0.98 22.56 34.23
N ILE A 545 -1.47 23.47 33.41
CA ILE A 545 -2.60 24.37 33.80
C ILE A 545 -3.81 23.93 32.97
N PHE A 546 -4.90 23.66 33.66
CA PHE A 546 -6.18 23.22 33.07
C PHE A 546 -7.26 24.23 33.43
N THR A 547 -7.87 24.85 32.42
CA THR A 547 -9.13 25.62 32.56
C THR A 547 -10.24 24.76 31.98
N GLN A 548 -11.23 24.41 32.80
CA GLN A 548 -12.35 23.55 32.37
C GLN A 548 -13.16 24.28 31.29
N THR A 549 -13.15 25.61 31.30
CA THR A 549 -13.78 26.50 30.29
C THR A 549 -15.30 26.55 30.51
N THR A 550 -15.97 25.42 30.39
CA THR A 550 -17.45 25.32 30.55
C THR A 550 -17.78 24.21 31.55
N GLU A 551 -19.04 24.08 31.94
CA GLU A 551 -19.55 22.85 32.60
C GLU A 551 -20.54 22.12 31.68
N THR A 552 -20.11 21.82 30.45
CA THR A 552 -20.88 21.02 29.46
C THR A 552 -20.62 19.52 29.64
N ALA A 553 -21.37 18.66 28.97
CA ALA A 553 -21.16 17.20 28.97
C ALA A 553 -19.75 16.86 28.46
N HIS A 554 -19.22 17.66 27.53
CA HIS A 554 -17.87 17.49 26.92
C HIS A 554 -16.77 17.78 27.96
N SER A 555 -16.90 18.87 28.70
CA SER A 555 -15.85 19.34 29.64
C SER A 555 -15.96 18.57 30.96
N CYS A 556 -17.12 18.00 31.25
CA CYS A 556 -17.38 17.25 32.51
C CYS A 556 -17.25 15.76 32.29
N ASN A 557 -16.93 15.33 31.07
CA ASN A 557 -16.75 13.91 30.75
C ASN A 557 -15.65 13.35 31.66
N VAL A 558 -15.94 12.30 32.44
CA VAL A 558 -14.98 11.80 33.47
C VAL A 558 -13.74 11.22 32.80
N ASN A 559 -13.87 10.59 31.64
CA ASN A 559 -12.70 10.06 30.90
C ASN A 559 -11.81 11.24 30.49
N ARG A 560 -12.38 12.27 29.87
CA ARG A 560 -11.61 13.48 29.44
C ARG A 560 -10.94 14.11 30.66
N PHE A 561 -11.67 14.24 31.77
CA PHE A 561 -11.14 14.86 33.01
C PHE A 561 -9.95 14.05 33.54
N ASN A 562 -10.15 12.73 33.69
CA ASN A 562 -9.10 11.72 34.02
C ASN A 562 -7.84 11.99 33.21
N VAL A 563 -7.93 12.03 31.88
CA VAL A 563 -6.74 12.28 31.01
C VAL A 563 -6.13 13.64 31.38
N ALA A 564 -6.95 14.68 31.42
CA ALA A 564 -6.48 16.08 31.60
C ALA A 564 -5.54 16.17 32.81
N ILE A 565 -5.91 15.58 33.95
CA ILE A 565 -5.18 15.83 35.23
C ILE A 565 -4.02 14.84 35.38
N THR A 566 -4.06 13.69 34.71
CA THR A 566 -2.97 12.68 34.74
C THR A 566 -1.89 12.96 33.69
N ARG A 567 -1.88 14.13 33.06
CA ARG A 567 -0.73 14.51 32.21
C ARG A 567 0.44 14.99 33.11
N ALA A 568 0.16 15.45 34.33
CA ALA A 568 1.11 16.22 35.15
C ALA A 568 2.06 15.30 35.92
N LYS A 569 3.36 15.57 35.86
CA LYS A 569 4.41 14.84 36.62
C LYS A 569 4.61 15.46 38.00
N VAL A 570 4.46 16.77 38.14
CA VAL A 570 4.89 17.55 39.34
C VAL A 570 3.75 18.38 39.89
N GLY A 571 3.23 19.31 39.10
CA GLY A 571 2.15 20.20 39.57
C GLY A 571 1.04 20.31 38.55
N ILE A 572 -0.14 20.69 39.01
CA ILE A 572 -1.31 21.00 38.16
C ILE A 572 -2.15 22.08 38.85
N LEU A 573 -2.59 23.08 38.08
CA LEU A 573 -3.61 24.06 38.50
C LEU A 573 -4.86 23.78 37.68
N CYS A 574 -5.99 23.55 38.35
CA CYS A 574 -7.30 23.30 37.72
C CYS A 574 -8.21 24.47 38.08
N ILE A 575 -8.55 25.29 37.10
CA ILE A 575 -9.62 26.31 37.21
C ILE A 575 -10.87 25.59 36.73
N MET A 576 -11.81 25.35 37.63
CA MET A 576 -12.99 24.47 37.43
C MET A 576 -14.27 25.30 37.25
N SER A 577 -15.19 24.78 36.44
CA SER A 577 -16.55 25.33 36.24
C SER A 577 -17.57 24.45 36.96
N ASP A 578 -17.28 23.15 37.09
CA ASP A 578 -18.20 22.10 37.59
C ASP A 578 -17.95 21.81 39.07
N ARG A 579 -18.93 22.10 39.94
CA ARG A 579 -18.83 21.96 41.42
C ARG A 579 -18.49 20.51 41.75
N ASP A 580 -19.20 19.60 41.10
CA ASP A 580 -19.06 18.12 41.20
C ASP A 580 -17.57 17.73 41.09
N LEU A 581 -16.95 17.98 39.94
CA LEU A 581 -15.54 17.57 39.68
C LEU A 581 -14.58 18.42 40.52
N TYR A 582 -14.91 19.68 40.78
CA TYR A 582 -14.09 20.55 41.66
C TYR A 582 -13.97 19.88 43.03
N ASP A 583 -15.08 19.39 43.58
CA ASP A 583 -15.18 18.84 44.96
C ASP A 583 -14.39 17.54 45.00
N LYS A 584 -14.50 16.71 43.95
CA LYS A 584 -13.81 15.41 43.83
C LYS A 584 -12.28 15.61 43.75
N LEU A 585 -11.80 16.77 43.28
CA LEU A 585 -10.33 17.02 43.18
C LEU A 585 -9.75 17.09 44.60
N GLN A 586 -8.77 16.22 44.88
CA GLN A 586 -8.08 16.13 46.20
C GLN A 586 -6.86 17.03 46.14
N PHE A 587 -7.12 18.32 45.85
CA PHE A 587 -6.10 19.36 45.61
C PHE A 587 -6.31 20.43 46.68
N THR A 588 -5.26 21.18 46.98
CA THR A 588 -5.30 22.42 47.76
C THR A 588 -6.08 23.48 46.98
N SER A 589 -7.18 24.01 47.53
CA SER A 589 -7.94 25.13 46.91
C SER A 589 -7.14 26.43 47.03
N LEU A 590 -7.11 27.22 45.95
CA LEU A 590 -6.64 28.63 45.98
C LEU A 590 -7.83 29.58 46.10
N GLU A 591 -7.58 30.78 46.61
CA GLU A 591 -8.53 31.93 46.72
C GLU A 591 -8.19 32.99 45.67
N ILE A 592 -9.20 33.81 45.34
CA ILE A 592 -9.27 34.91 44.32
C ILE A 592 -10.38 34.50 43.33
N VAL B 2 14.72 -18.02 11.51
CA VAL B 2 14.52 -19.51 11.42
C VAL B 2 13.52 -19.82 10.29
N GLY B 3 13.85 -20.81 9.43
CA GLY B 3 13.05 -21.15 8.22
C GLY B 3 13.61 -22.32 7.42
N ALA B 4 13.57 -22.23 6.09
CA ALA B 4 13.74 -23.35 5.14
C ALA B 4 14.81 -23.05 4.08
N CYS B 5 15.75 -23.98 3.88
CA CYS B 5 16.95 -23.85 3.01
C CYS B 5 16.51 -23.63 1.55
N VAL B 6 17.09 -22.64 0.87
CA VAL B 6 16.77 -22.27 -0.54
C VAL B 6 17.30 -23.33 -1.52
N LEU B 7 18.16 -24.26 -1.10
CA LEU B 7 18.73 -25.31 -1.99
C LEU B 7 18.13 -26.70 -1.68
N CYS B 8 17.72 -26.90 -0.42
CA CYS B 8 17.35 -28.22 0.18
C CYS B 8 15.88 -28.23 0.62
N ASN B 9 15.41 -27.08 1.08
CA ASN B 9 14.10 -26.91 1.77
C ASN B 9 14.23 -27.38 3.22
N SER B 10 15.29 -28.12 3.55
CA SER B 10 15.62 -28.54 4.93
C SER B 10 15.41 -27.36 5.88
N GLN B 11 14.72 -27.58 7.01
CA GLN B 11 14.55 -26.56 8.06
C GLN B 11 15.94 -26.04 8.46
N THR B 12 16.04 -24.81 8.98
CA THR B 12 17.33 -24.19 9.40
C THR B 12 17.12 -23.02 10.35
N SER B 13 18.12 -22.72 11.19
CA SER B 13 18.19 -21.47 11.97
C SER B 13 19.31 -20.58 11.42
N LEU B 14 19.74 -20.80 10.18
CA LEU B 14 20.93 -20.12 9.59
C LEU B 14 20.52 -19.35 8.33
N ARG B 15 21.03 -18.13 8.20
CA ARG B 15 20.98 -17.32 6.95
C ARG B 15 22.41 -16.88 6.64
N CYS B 16 22.77 -16.84 5.35
CA CYS B 16 24.05 -16.22 4.91
C CYS B 16 23.96 -14.72 5.16
N GLY B 17 24.86 -14.19 5.98
CA GLY B 17 24.90 -12.75 6.32
C GLY B 17 25.49 -11.92 5.20
N ALA B 18 26.30 -12.54 4.32
CA ALA B 18 27.02 -11.88 3.20
C ALA B 18 26.13 -11.81 1.93
N CYS B 19 25.19 -12.74 1.77
CA CYS B 19 24.17 -12.69 0.67
C CYS B 19 23.19 -11.56 0.95
N ILE B 20 23.00 -10.66 -0.02
CA ILE B 20 22.21 -9.41 0.18
C ILE B 20 20.76 -9.80 0.50
N ARG B 21 20.31 -10.98 0.08
CA ARG B 21 18.94 -11.51 0.38
C ARG B 21 18.94 -12.32 1.70
N ARG B 22 20.10 -12.59 2.29
CA ARG B 22 20.23 -13.36 3.55
C ARG B 22 19.39 -14.62 3.51
N PRO B 23 19.56 -15.50 2.50
CA PRO B 23 18.74 -16.70 2.34
C PRO B 23 18.97 -17.71 3.46
N PHE B 24 17.95 -18.48 3.82
CA PHE B 24 18.10 -19.67 4.70
C PHE B 24 18.96 -20.70 3.96
N LEU B 25 20.04 -21.11 4.61
CA LEU B 25 20.91 -22.25 4.23
C LEU B 25 20.97 -23.21 5.43
N CYS B 26 20.58 -24.48 5.24
CA CYS B 26 20.61 -25.54 6.28
C CYS B 26 22.06 -25.73 6.70
N CYS B 27 22.28 -26.57 7.71
CA CYS B 27 23.62 -26.85 8.27
C CYS B 27 24.55 -27.28 7.12
N LYS B 28 24.06 -28.05 6.15
CA LYS B 28 24.90 -28.70 5.12
C LYS B 28 25.26 -27.68 4.03
N CYS B 29 24.25 -26.96 3.52
CA CYS B 29 24.39 -26.04 2.35
C CYS B 29 25.09 -24.76 2.81
N CYS B 30 24.83 -24.31 4.04
CA CYS B 30 25.49 -23.12 4.64
C CYS B 30 27.01 -23.31 4.61
N TYR B 31 27.48 -24.48 5.06
CA TYR B 31 28.90 -24.93 5.04
C TYR B 31 29.45 -24.96 3.61
N ASP B 32 28.74 -25.61 2.68
CA ASP B 32 29.20 -25.73 1.28
C ASP B 32 29.30 -24.34 0.67
N HIS B 33 28.43 -23.39 1.09
CA HIS B 33 28.45 -21.98 0.61
C HIS B 33 29.66 -21.25 1.18
N VAL B 34 29.83 -21.26 2.52
CA VAL B 34 30.89 -20.44 3.20
C VAL B 34 32.28 -20.94 2.79
N ILE B 35 32.49 -22.24 2.58
CA ILE B 35 33.86 -22.75 2.29
C ILE B 35 34.20 -22.57 0.80
N SER B 36 33.26 -22.17 -0.06
CA SER B 36 33.50 -22.03 -1.52
C SER B 36 33.54 -20.56 -1.97
N THR B 37 33.13 -19.62 -1.11
CA THR B 37 33.00 -18.17 -1.45
C THR B 37 33.68 -17.30 -0.38
N SER B 38 33.75 -16.00 -0.65
CA SER B 38 34.10 -14.94 0.33
C SER B 38 33.00 -14.80 1.39
N HIS B 39 31.86 -15.45 1.23
CA HIS B 39 30.70 -15.29 2.16
C HIS B 39 31.02 -16.06 3.44
N LYS B 40 31.29 -15.36 4.55
CA LYS B 40 31.68 -16.05 5.83
C LYS B 40 30.85 -15.55 7.00
N LEU B 41 29.98 -14.55 6.81
CA LEU B 41 29.08 -14.11 7.90
C LEU B 41 27.86 -15.03 7.85
N VAL B 42 27.51 -15.60 9.01
CA VAL B 42 26.36 -16.52 9.16
C VAL B 42 25.46 -15.98 10.28
N LEU B 43 24.16 -15.88 9.99
CA LEU B 43 23.14 -15.29 10.89
C LEU B 43 22.25 -16.43 11.40
N SER B 44 22.05 -16.45 12.72
CA SER B 44 21.06 -17.28 13.45
C SER B 44 20.28 -16.36 14.37
N VAL B 45 19.61 -16.92 15.39
CA VAL B 45 18.91 -16.14 16.46
C VAL B 45 19.87 -15.02 16.89
N ASN B 46 21.17 -15.33 16.90
CA ASN B 46 22.28 -14.34 17.02
C ASN B 46 23.10 -14.36 15.74
N PRO B 47 23.85 -13.27 15.44
CA PRO B 47 24.86 -13.33 14.39
C PRO B 47 26.09 -14.08 14.93
N TYR B 48 26.66 -14.97 14.12
CA TYR B 48 27.88 -15.71 14.48
C TYR B 48 29.04 -14.71 14.41
N VAL B 49 29.33 -14.08 15.55
CA VAL B 49 30.40 -13.06 15.72
C VAL B 49 31.05 -13.28 17.09
N CYS B 50 32.33 -12.93 17.25
CA CYS B 50 33.05 -13.14 18.53
C CYS B 50 32.52 -12.17 19.60
N ASN B 51 31.98 -12.73 20.68
CA ASN B 51 31.34 -11.97 21.78
C ASN B 51 32.42 -11.29 22.65
N ALA B 52 33.70 -11.68 22.53
CA ALA B 52 34.81 -11.09 23.30
C ALA B 52 34.87 -9.59 23.03
N PRO B 53 35.11 -8.74 24.05
CA PRO B 53 35.09 -7.28 23.88
C PRO B 53 36.17 -6.73 22.94
N GLY B 54 35.77 -5.92 21.94
CA GLY B 54 36.65 -5.29 20.95
C GLY B 54 37.21 -6.29 19.95
N CYS B 55 36.56 -7.44 19.79
CA CYS B 55 36.92 -8.50 18.80
C CYS B 55 36.04 -8.37 17.55
N ASP B 56 36.65 -8.33 16.38
CA ASP B 56 35.95 -8.12 15.09
C ASP B 56 36.00 -9.41 14.25
N VAL B 57 36.11 -10.59 14.89
CA VAL B 57 36.05 -11.89 14.17
C VAL B 57 34.56 -12.20 13.91
N THR B 58 34.20 -12.15 12.62
CA THR B 58 32.82 -12.39 12.09
C THR B 58 32.82 -13.65 11.21
N ASP B 59 34.00 -14.11 10.75
CA ASP B 59 34.15 -15.31 9.88
C ASP B 59 33.78 -16.57 10.68
N VAL B 60 32.73 -17.27 10.25
CA VAL B 60 32.18 -18.50 10.92
C VAL B 60 33.23 -19.63 10.94
N THR B 61 34.19 -19.65 10.01
CA THR B 61 35.26 -20.69 9.93
C THR B 61 36.29 -20.43 11.05
N GLN B 62 36.26 -19.25 11.66
CA GLN B 62 37.22 -18.81 12.70
C GLN B 62 36.49 -18.66 14.03
N LEU B 63 35.31 -19.24 14.20
CA LEU B 63 34.50 -19.04 15.44
C LEU B 63 34.08 -20.39 16.04
N TYR B 64 33.75 -20.37 17.34
CA TYR B 64 33.40 -21.57 18.16
C TYR B 64 32.28 -21.21 19.12
N LEU B 65 31.34 -22.13 19.40
CA LEU B 65 30.39 -21.99 20.52
C LEU B 65 31.09 -22.37 21.83
N GLY B 66 31.27 -21.38 22.70
CA GLY B 66 31.87 -21.50 24.04
C GLY B 66 30.82 -21.27 25.12
N GLY B 67 30.17 -22.36 25.55
CA GLY B 67 28.98 -22.33 26.42
C GLY B 67 27.74 -21.97 25.63
N MET B 68 27.26 -20.73 25.76
CA MET B 68 26.06 -20.24 25.03
C MET B 68 26.41 -19.04 24.14
N SER B 69 27.63 -18.49 24.30
CA SER B 69 28.16 -17.34 23.52
C SER B 69 29.19 -17.85 22.49
N TYR B 70 29.45 -17.06 21.44
CA TYR B 70 30.35 -17.42 20.31
C TYR B 70 31.67 -16.68 20.48
N TYR B 71 32.79 -17.35 20.17
CA TYR B 71 34.15 -16.78 20.29
C TYR B 71 35.01 -17.26 19.13
N CYS B 72 36.00 -16.44 18.76
CA CYS B 72 37.11 -16.80 17.84
C CYS B 72 38.15 -17.68 18.57
N LYS B 73 39.15 -18.14 17.82
CA LYS B 73 40.26 -19.03 18.26
C LYS B 73 41.00 -18.35 19.42
N SER B 74 41.02 -17.01 19.46
CA SER B 74 41.79 -16.18 20.44
C SER B 74 40.99 -15.90 21.72
N HIS B 75 39.69 -16.22 21.75
CA HIS B 75 38.80 -15.88 22.90
C HIS B 75 37.98 -17.08 23.39
N LYS B 76 38.02 -18.21 22.69
CA LYS B 76 37.16 -19.37 23.04
C LYS B 76 37.57 -19.86 24.43
N PRO B 77 36.63 -20.31 25.28
CA PRO B 77 36.99 -21.03 26.51
C PRO B 77 37.44 -22.45 26.19
N PRO B 78 38.04 -23.18 27.15
CA PRO B 78 38.57 -24.52 26.89
C PRO B 78 37.52 -25.46 26.29
N ILE B 79 36.32 -25.48 26.89
CA ILE B 79 35.15 -26.27 26.40
C ILE B 79 34.38 -25.37 25.41
N SER B 80 34.72 -25.53 24.13
CA SER B 80 34.14 -24.82 22.96
C SER B 80 34.26 -25.75 21.74
N PHE B 81 33.33 -25.66 20.79
CA PHE B 81 33.34 -26.51 19.57
C PHE B 81 33.17 -25.62 18.35
N PRO B 82 33.85 -25.94 17.23
CA PRO B 82 33.82 -25.07 16.04
C PRO B 82 32.39 -24.97 15.50
N LEU B 83 31.95 -23.78 15.12
CA LEU B 83 30.63 -23.57 14.44
C LEU B 83 30.67 -24.25 13.07
N CYS B 84 31.82 -24.16 12.41
CA CYS B 84 32.00 -24.56 11.00
C CYS B 84 33.06 -25.68 10.92
N ALA B 85 32.62 -26.93 10.94
CA ALA B 85 33.51 -28.10 10.79
C ALA B 85 32.66 -29.33 10.46
N ASN B 86 33.25 -30.35 9.83
CA ASN B 86 32.59 -31.66 9.64
C ASN B 86 31.44 -31.51 8.63
N GLY B 87 31.63 -30.72 7.57
CA GLY B 87 30.66 -30.53 6.46
C GLY B 87 29.39 -29.79 6.88
N GLN B 88 29.36 -29.19 8.07
CA GLN B 88 28.16 -28.51 8.60
C GLN B 88 28.56 -27.23 9.32
N VAL B 89 27.68 -26.23 9.29
CA VAL B 89 27.73 -25.03 10.17
C VAL B 89 26.73 -25.32 11.28
N PHE B 90 27.10 -25.02 12.53
CA PHE B 90 26.26 -25.30 13.71
C PHE B 90 25.01 -24.41 13.66
N GLY B 91 23.84 -25.06 13.84
CA GLY B 91 22.51 -24.45 13.99
C GLY B 91 21.44 -25.51 14.20
N LEU B 92 20.20 -25.10 14.51
CA LEU B 92 19.00 -25.97 14.68
C LEU B 92 18.86 -26.97 13.52
N TYR B 93 18.17 -28.08 13.78
CA TYR B 93 17.73 -29.09 12.79
C TYR B 93 18.93 -29.67 12.02
N LYS B 94 20.10 -29.77 12.69
CA LYS B 94 21.36 -30.40 12.19
C LYS B 94 21.14 -31.87 11.81
N ASN B 95 20.04 -32.47 12.30
CA ASN B 95 19.69 -33.91 12.13
C ASN B 95 19.07 -34.13 10.74
N THR B 96 18.30 -33.15 10.24
CA THR B 96 17.52 -33.23 8.97
C THR B 96 18.09 -32.26 7.92
N CYS B 97 19.30 -32.52 7.44
CA CYS B 97 19.97 -31.76 6.35
C CYS B 97 20.30 -32.72 5.22
N VAL B 98 19.66 -32.53 4.07
CA VAL B 98 19.81 -33.42 2.89
C VAL B 98 21.08 -33.01 2.10
N GLY B 99 21.25 -31.70 1.84
CA GLY B 99 22.39 -31.16 1.08
C GLY B 99 22.09 -31.07 -0.40
N SER B 100 23.12 -30.87 -1.23
CA SER B 100 22.99 -30.66 -2.69
C SER B 100 24.25 -31.16 -3.40
N ASP B 101 24.07 -31.85 -4.53
CA ASP B 101 25.14 -32.47 -5.36
C ASP B 101 26.20 -31.42 -5.71
N ASN B 102 25.73 -30.26 -6.21
CA ASN B 102 26.57 -29.08 -6.59
C ASN B 102 25.83 -27.78 -6.22
N VAL B 103 26.36 -27.06 -5.24
CA VAL B 103 25.93 -25.71 -4.77
C VAL B 103 26.56 -24.64 -5.69
N THR B 104 27.14 -25.08 -6.81
CA THR B 104 27.92 -24.27 -7.77
C THR B 104 27.12 -23.08 -8.30
N ASP B 105 25.88 -23.30 -8.76
CA ASP B 105 24.99 -22.29 -9.37
C ASP B 105 24.52 -21.30 -8.30
N PHE B 106 24.17 -21.77 -7.10
CA PHE B 106 23.71 -20.88 -6.00
C PHE B 106 24.80 -19.85 -5.66
N ASN B 107 26.06 -20.29 -5.62
CA ASN B 107 27.25 -19.45 -5.36
C ASN B 107 27.36 -18.37 -6.44
N ALA B 108 27.32 -18.78 -7.71
CA ALA B 108 27.43 -17.86 -8.87
C ALA B 108 26.33 -16.79 -8.77
N ILE B 109 25.10 -17.18 -8.38
CA ILE B 109 23.95 -16.23 -8.27
C ILE B 109 24.23 -15.32 -7.09
N ALA B 110 24.76 -15.89 -6.00
CA ALA B 110 24.93 -15.20 -4.71
C ALA B 110 26.00 -14.12 -4.85
N THR B 111 26.95 -14.29 -5.78
CA THR B 111 28.21 -13.52 -5.81
C THR B 111 28.40 -12.71 -7.10
N CYS B 112 27.61 -12.93 -8.17
CA CYS B 112 27.75 -12.18 -9.45
C CYS B 112 27.31 -10.72 -9.25
N ASP B 113 27.75 -9.80 -10.11
CA ASP B 113 27.38 -8.36 -10.06
C ASP B 113 26.22 -8.04 -11.04
N TRP B 114 25.76 -9.02 -11.81
CA TRP B 114 24.59 -8.92 -12.74
C TRP B 114 24.88 -7.99 -13.93
N THR B 115 26.15 -7.83 -14.34
CA THR B 115 26.58 -6.93 -15.45
C THR B 115 26.88 -7.78 -16.70
N ASN B 116 26.95 -9.11 -16.58
CA ASN B 116 27.16 -10.06 -17.71
C ASN B 116 25.86 -10.81 -18.03
N ALA B 117 25.61 -11.04 -19.32
CA ALA B 117 24.41 -11.76 -19.81
C ALA B 117 24.38 -13.16 -19.19
N GLY B 118 25.54 -13.82 -19.10
CA GLY B 118 25.71 -15.16 -18.49
C GLY B 118 25.10 -15.24 -17.11
N ASP B 119 24.94 -14.11 -16.43
CA ASP B 119 24.33 -14.03 -15.08
C ASP B 119 22.83 -14.25 -15.21
N TYR B 120 22.22 -13.65 -16.25
CA TYR B 120 20.77 -13.73 -16.56
C TYR B 120 20.46 -15.09 -17.18
N ILE B 121 21.40 -15.67 -17.93
CA ILE B 121 21.21 -17.01 -18.56
C ILE B 121 21.06 -18.04 -17.44
N LEU B 122 21.97 -18.03 -16.47
CA LEU B 122 21.98 -18.93 -15.31
C LEU B 122 20.68 -18.72 -14.51
N ALA B 123 20.30 -17.47 -14.27
CA ALA B 123 19.11 -17.13 -13.45
C ALA B 123 17.85 -17.71 -14.10
N ASN B 124 17.96 -18.16 -15.35
CA ASN B 124 16.78 -18.64 -16.12
C ASN B 124 16.93 -20.12 -16.47
N THR B 125 18.10 -20.75 -16.26
CA THR B 125 18.35 -22.17 -16.61
C THR B 125 18.53 -23.01 -15.32
N CYS B 126 18.66 -22.38 -14.17
CA CYS B 126 18.88 -23.06 -12.87
C CYS B 126 17.58 -23.69 -12.42
N THR B 127 17.55 -24.37 -11.27
CA THR B 127 16.31 -24.96 -10.72
C THR B 127 15.38 -23.83 -10.35
N GLU B 128 14.08 -24.14 -10.26
CA GLU B 128 12.99 -23.15 -9.98
C GLU B 128 13.33 -22.37 -8.71
N ARG B 129 13.73 -23.04 -7.63
CA ARG B 129 13.98 -22.32 -6.35
C ARG B 129 15.14 -21.33 -6.55
N LEU B 130 16.12 -21.68 -7.36
CA LEU B 130 17.25 -20.77 -7.66
C LEU B 130 16.81 -19.63 -8.61
N LYS B 131 15.80 -19.86 -9.47
CA LYS B 131 15.14 -18.76 -10.25
C LYS B 131 14.55 -17.71 -9.29
N LEU B 132 13.86 -18.11 -8.24
CA LEU B 132 13.30 -17.15 -7.26
C LEU B 132 14.45 -16.43 -6.55
N PHE B 133 15.43 -17.18 -6.03
CA PHE B 133 16.60 -16.59 -5.34
C PHE B 133 17.27 -15.58 -6.26
N ALA B 134 17.54 -15.96 -7.53
CA ALA B 134 18.23 -15.13 -8.54
C ALA B 134 17.42 -13.85 -8.78
N ALA B 135 16.11 -13.98 -8.87
CA ALA B 135 15.18 -12.88 -9.21
C ALA B 135 15.14 -11.87 -8.04
N GLU B 136 15.11 -12.35 -6.78
CA GLU B 136 15.18 -11.48 -5.58
C GLU B 136 16.53 -10.76 -5.54
N THR B 137 17.61 -11.53 -5.67
CA THR B 137 19.01 -11.07 -5.54
C THR B 137 19.23 -9.96 -6.57
N LEU B 138 18.82 -10.20 -7.82
CA LEU B 138 18.96 -9.27 -8.97
C LEU B 138 18.14 -8.01 -8.69
N LYS B 139 16.88 -8.14 -8.32
CA LYS B 139 16.01 -6.97 -8.07
C LYS B 139 16.60 -6.16 -6.91
N ALA B 140 17.11 -6.82 -5.87
CA ALA B 140 17.72 -6.14 -4.71
C ALA B 140 18.97 -5.40 -5.18
N THR B 141 19.85 -6.05 -5.94
CA THR B 141 21.07 -5.39 -6.50
C THR B 141 20.66 -4.18 -7.35
N GLU B 142 19.58 -4.29 -8.15
CA GLU B 142 19.09 -3.22 -9.05
C GLU B 142 18.64 -2.02 -8.21
N GLU B 143 17.86 -2.24 -7.15
CA GLU B 143 17.29 -1.18 -6.27
C GLU B 143 18.42 -0.50 -5.49
N THR B 144 19.39 -1.27 -4.98
CA THR B 144 20.54 -0.75 -4.19
C THR B 144 21.51 0.00 -5.11
N PHE B 145 21.56 -0.36 -6.39
CA PHE B 145 22.37 0.38 -7.38
C PHE B 145 21.76 1.76 -7.65
N LYS B 146 20.44 1.92 -7.54
CA LYS B 146 19.76 3.23 -7.74
C LYS B 146 20.29 4.23 -6.70
N LEU B 147 20.58 3.79 -5.47
CA LEU B 147 21.08 4.64 -4.34
C LEU B 147 22.48 5.17 -4.69
N SER B 148 23.29 4.40 -5.41
CA SER B 148 24.69 4.75 -5.76
C SER B 148 24.75 6.08 -6.52
N TYR B 149 23.63 6.53 -7.11
CA TYR B 149 23.54 7.81 -7.83
C TYR B 149 23.34 8.97 -6.86
N GLY B 150 23.90 10.12 -7.24
CA GLY B 150 23.87 11.35 -6.43
C GLY B 150 22.52 12.05 -6.54
N ILE B 151 22.16 12.79 -5.50
CA ILE B 151 20.96 13.66 -5.43
C ILE B 151 21.11 14.80 -6.44
N ALA B 152 20.08 15.07 -7.25
CA ALA B 152 19.99 16.28 -8.11
C ALA B 152 19.18 17.36 -7.37
N THR B 153 19.73 18.56 -7.27
CA THR B 153 19.12 19.70 -6.52
C THR B 153 18.97 20.87 -7.50
N VAL B 154 17.78 21.49 -7.51
CA VAL B 154 17.44 22.67 -8.35
C VAL B 154 18.31 23.84 -7.86
N ARG B 155 19.18 24.32 -8.74
CA ARG B 155 20.09 25.47 -8.46
C ARG B 155 19.36 26.76 -8.86
N GLU B 156 18.69 26.73 -10.00
CA GLU B 156 18.05 27.89 -10.67
C GLU B 156 16.83 27.37 -11.42
N VAL B 157 15.64 27.89 -11.12
CA VAL B 157 14.40 27.59 -11.89
C VAL B 157 14.39 28.49 -13.13
N LEU B 158 15.11 28.08 -14.18
CA LEU B 158 15.37 28.87 -15.41
C LEU B 158 14.05 29.38 -16.00
N SER B 159 13.09 28.48 -16.17
CA SER B 159 11.74 28.75 -16.71
C SER B 159 10.84 27.56 -16.38
N ASP B 160 9.66 27.47 -17.02
CA ASP B 160 8.84 26.22 -17.02
C ASP B 160 9.51 25.26 -18.00
N ARG B 161 9.55 23.96 -17.64
CA ARG B 161 10.14 22.87 -18.46
C ARG B 161 11.67 23.01 -18.57
N GLU B 162 12.32 23.95 -17.87
CA GLU B 162 13.81 24.12 -17.91
C GLU B 162 14.37 24.45 -16.52
N LEU B 163 15.48 23.79 -16.14
CA LEU B 163 16.13 23.90 -14.81
C LEU B 163 17.67 23.93 -14.95
N HIS B 164 18.33 24.50 -13.94
CA HIS B 164 19.78 24.33 -13.63
C HIS B 164 19.90 23.40 -12.43
N LEU B 165 20.49 22.22 -12.62
CA LEU B 165 20.64 21.22 -11.54
C LEU B 165 22.07 21.22 -10.99
N SER B 166 22.17 21.01 -9.67
CA SER B 166 23.41 20.87 -8.87
C SER B 166 23.49 19.41 -8.39
N TRP B 167 24.59 18.70 -8.65
CA TRP B 167 24.69 17.24 -8.42
C TRP B 167 25.60 16.95 -7.23
N GLU B 168 25.25 15.92 -6.45
CA GLU B 168 26.00 15.48 -5.24
C GLU B 168 27.41 15.08 -5.66
N VAL B 169 28.41 15.49 -4.89
CA VAL B 169 29.87 15.25 -5.13
C VAL B 169 30.22 13.84 -4.64
N GLY B 170 31.09 13.13 -5.37
CA GLY B 170 31.51 11.77 -5.02
C GLY B 170 30.68 10.76 -5.80
N LYS B 171 29.36 10.79 -5.62
CA LYS B 171 28.42 9.83 -6.25
C LYS B 171 28.28 10.18 -7.73
N PRO B 172 28.27 9.18 -8.65
CA PRO B 172 28.03 9.42 -10.07
C PRO B 172 26.59 9.87 -10.36
N ARG B 173 26.37 10.49 -11.53
CA ARG B 173 25.08 11.05 -11.98
C ARG B 173 24.42 10.06 -12.93
N PRO B 174 23.12 9.75 -12.75
CA PRO B 174 22.43 8.77 -13.60
C PRO B 174 22.10 9.26 -15.01
N PRO B 175 21.86 8.35 -15.98
CA PRO B 175 21.40 8.74 -17.31
C PRO B 175 20.06 9.48 -17.26
N LEU B 176 19.89 10.48 -18.12
CA LEU B 176 18.74 11.43 -18.13
C LEU B 176 17.88 11.17 -19.37
N ASN B 177 16.74 10.49 -19.20
CA ASN B 177 15.81 10.15 -20.31
C ASN B 177 14.49 9.63 -19.71
N ARG B 178 13.56 9.18 -20.56
CA ARG B 178 12.20 8.67 -20.18
C ARG B 178 12.32 7.34 -19.42
N ASN B 179 13.42 6.61 -19.62
CA ASN B 179 13.71 5.30 -18.95
C ASN B 179 13.90 5.52 -17.45
N TYR B 180 14.44 6.68 -17.05
CA TYR B 180 14.81 7.01 -15.64
C TYR B 180 13.82 8.03 -15.06
N VAL B 181 12.86 7.55 -14.26
CA VAL B 181 11.82 8.38 -13.59
C VAL B 181 12.30 8.75 -12.18
N PHE B 182 12.46 10.06 -11.95
CA PHE B 182 12.92 10.66 -10.67
C PHE B 182 11.72 11.01 -9.81
N THR B 183 11.94 11.26 -8.53
CA THR B 183 10.92 11.76 -7.59
C THR B 183 11.42 13.03 -6.93
N GLY B 184 10.67 14.11 -7.08
CA GLY B 184 10.98 15.42 -6.48
C GLY B 184 10.77 15.37 -4.98
N TYR B 185 11.24 16.39 -4.27
CA TYR B 185 11.09 16.55 -2.81
C TYR B 185 11.25 18.02 -2.47
N ARG B 186 10.42 18.54 -1.56
CA ARG B 186 10.55 19.90 -0.98
C ARG B 186 11.04 19.75 0.47
N VAL B 187 12.03 20.56 0.86
CA VAL B 187 12.71 20.48 2.19
C VAL B 187 11.78 21.08 3.24
N THR B 188 11.03 20.25 3.96
CA THR B 188 10.04 20.67 5.00
C THR B 188 10.78 21.03 6.29
N LYS B 189 10.12 21.81 7.15
CA LYS B 189 10.67 22.31 8.43
C LYS B 189 11.71 21.32 8.98
N ASN B 190 11.35 20.04 9.14
CA ASN B 190 12.18 19.01 9.83
C ASN B 190 12.24 17.70 9.04
N SER B 191 11.72 17.63 7.81
CA SER B 191 11.93 16.46 6.90
C SER B 191 11.70 16.88 5.44
N LYS B 192 11.21 15.95 4.61
CA LYS B 192 11.03 16.10 3.14
C LYS B 192 9.66 15.54 2.75
N VAL B 193 9.00 16.13 1.75
CA VAL B 193 7.67 15.67 1.26
C VAL B 193 7.78 15.37 -0.24
N GLN B 194 7.30 14.19 -0.66
CA GLN B 194 7.20 13.77 -2.08
C GLN B 194 6.41 14.84 -2.83
N ILE B 195 6.97 15.36 -3.92
CA ILE B 195 6.35 16.43 -4.76
C ILE B 195 6.18 15.86 -6.18
N GLY B 196 5.82 14.57 -6.26
CA GLY B 196 5.48 13.86 -7.51
C GLY B 196 6.71 13.41 -8.28
N GLU B 197 6.53 12.51 -9.26
CA GLU B 197 7.62 11.92 -10.07
C GLU B 197 7.92 12.83 -11.27
N TYR B 198 9.12 12.70 -11.83
CA TYR B 198 9.69 13.59 -12.88
C TYR B 198 10.59 12.77 -13.82
N THR B 199 10.85 13.30 -15.01
CA THR B 199 11.79 12.75 -16.03
C THR B 199 12.59 13.94 -16.61
N PHE B 200 13.81 13.69 -17.08
CA PHE B 200 14.77 14.74 -17.49
C PHE B 200 15.45 14.38 -18.81
N GLU B 201 15.93 15.43 -19.49
CA GLU B 201 16.64 15.39 -20.79
C GLU B 201 17.50 16.66 -20.89
N LYS B 202 18.66 16.56 -21.57
CA LYS B 202 19.66 17.66 -21.72
C LYS B 202 18.96 18.91 -22.28
N GLY B 203 19.41 20.11 -21.90
CA GLY B 203 18.94 21.40 -22.45
C GLY B 203 19.68 21.76 -23.74
N ALA B 208 22.02 22.95 -17.35
CA ALA B 208 20.96 23.29 -18.32
C ALA B 208 20.17 22.03 -18.68
N VAL B 209 19.06 21.75 -17.99
CA VAL B 209 18.25 20.50 -18.14
C VAL B 209 16.77 20.82 -18.32
N VAL B 210 16.03 19.87 -18.90
CA VAL B 210 14.60 20.00 -19.30
C VAL B 210 13.79 18.96 -18.51
N TYR B 211 12.80 19.41 -17.71
CA TYR B 211 11.98 18.53 -16.83
C TYR B 211 10.60 18.30 -17.43
N ARG B 212 10.23 17.03 -17.63
CA ARG B 212 8.90 16.57 -18.12
C ARG B 212 8.16 15.88 -16.96
N GLY B 213 7.62 16.68 -16.03
CA GLY B 213 7.06 16.20 -14.75
C GLY B 213 5.84 15.30 -14.93
N THR B 214 5.80 14.19 -14.19
CA THR B 214 4.60 13.32 -13.98
C THR B 214 3.73 13.95 -12.86
N THR B 215 3.43 15.24 -13.01
CA THR B 215 2.70 16.15 -12.10
C THR B 215 3.11 17.58 -12.46
N THR B 216 2.27 18.57 -12.18
CA THR B 216 2.56 20.00 -12.46
C THR B 216 2.74 20.73 -11.12
N TYR B 217 3.88 21.40 -10.95
CA TYR B 217 4.27 22.16 -9.73
C TYR B 217 5.02 23.43 -10.16
N LYS B 218 5.14 24.38 -9.24
CA LYS B 218 5.97 25.61 -9.39
C LYS B 218 7.29 25.38 -8.63
N LEU B 219 7.99 24.28 -8.92
CA LEU B 219 9.17 23.79 -8.14
C LEU B 219 10.20 24.92 -8.00
N ASN B 220 10.70 25.07 -6.77
CA ASN B 220 11.60 26.18 -6.36
C ASN B 220 13.00 25.62 -6.09
N VAL B 221 14.00 26.51 -6.17
CA VAL B 221 15.44 26.22 -5.92
C VAL B 221 15.54 25.53 -4.56
N GLY B 222 16.33 24.46 -4.46
CA GLY B 222 16.50 23.66 -3.25
C GLY B 222 15.81 22.31 -3.33
N ASP B 223 14.69 22.23 -4.06
CA ASP B 223 13.96 20.95 -4.32
C ASP B 223 14.94 19.98 -5.01
N TYR B 224 14.82 18.69 -4.72
CA TYR B 224 15.82 17.68 -5.14
C TYR B 224 15.12 16.43 -5.67
N PHE B 225 15.89 15.60 -6.37
CA PHE B 225 15.40 14.50 -7.22
C PHE B 225 16.24 13.24 -6.99
N VAL B 226 15.56 12.14 -6.66
CA VAL B 226 16.18 10.80 -6.50
C VAL B 226 15.28 9.80 -7.24
N LEU B 227 15.91 8.86 -7.95
CA LEU B 227 15.25 7.65 -8.54
C LEU B 227 14.55 6.90 -7.41
N THR B 228 13.22 6.71 -7.48
CA THR B 228 12.48 6.02 -6.39
C THR B 228 12.84 4.53 -6.45
N SER B 229 13.30 4.00 -5.31
CA SER B 229 13.69 2.58 -5.15
C SER B 229 12.81 1.94 -4.08
N HIS B 230 12.09 0.87 -4.43
CA HIS B 230 11.10 0.21 -3.55
C HIS B 230 11.65 -1.13 -3.07
N THR B 231 11.54 -1.37 -1.76
CA THR B 231 11.96 -2.61 -1.05
C THR B 231 11.48 -3.84 -1.82
N VAL B 232 12.42 -4.73 -2.13
CA VAL B 232 12.22 -6.06 -2.77
C VAL B 232 11.70 -7.01 -1.69
N MET B 233 10.56 -7.66 -1.92
CA MET B 233 9.99 -8.68 -1.00
C MET B 233 10.55 -10.05 -1.34
N PRO B 234 10.45 -11.04 -0.43
CA PRO B 234 10.91 -12.39 -0.72
C PRO B 234 9.86 -13.08 -1.61
N LEU B 235 10.32 -14.00 -2.46
CA LEU B 235 9.48 -14.78 -3.40
C LEU B 235 9.21 -16.14 -2.79
N SER B 236 7.99 -16.66 -2.97
CA SER B 236 7.56 -18.01 -2.51
C SER B 236 7.12 -18.85 -3.71
N ALA B 237 6.21 -18.35 -4.56
CA ALA B 237 5.59 -19.11 -5.67
C ALA B 237 6.58 -19.30 -6.83
N PRO B 238 6.48 -20.43 -7.59
CA PRO B 238 7.32 -20.62 -8.78
C PRO B 238 6.98 -19.63 -9.90
N THR B 239 7.86 -19.47 -10.88
CA THR B 239 7.70 -18.49 -11.99
C THR B 239 6.59 -19.00 -12.93
N LEU B 240 6.52 -20.32 -13.11
CA LEU B 240 5.39 -21.05 -13.72
C LEU B 240 4.87 -22.10 -12.73
N VAL B 241 3.54 -22.30 -12.69
CA VAL B 241 2.91 -23.43 -11.96
C VAL B 241 3.21 -24.67 -12.79
N PRO B 242 3.07 -25.89 -12.25
CA PRO B 242 3.24 -27.09 -13.07
C PRO B 242 2.13 -27.26 -14.13
N GLN B 243 2.52 -27.53 -15.38
CA GLN B 243 1.59 -27.60 -16.52
C GLN B 243 0.67 -28.81 -16.34
N GLU B 244 -0.58 -28.66 -16.79
CA GLU B 244 -1.61 -29.71 -16.82
C GLU B 244 -2.37 -29.57 -18.14
N HIS B 245 -2.42 -30.64 -18.93
CA HIS B 245 -3.24 -30.75 -20.17
C HIS B 245 -4.51 -31.54 -19.83
N TYR B 246 -5.65 -31.08 -20.34
CA TYR B 246 -6.98 -31.63 -20.02
C TYR B 246 -7.56 -32.17 -21.34
N VAL B 247 -8.56 -33.03 -21.19
CA VAL B 247 -9.19 -33.77 -22.32
C VAL B 247 -10.50 -33.05 -22.66
N ARG B 248 -10.94 -32.17 -21.75
CA ARG B 248 -12.14 -31.30 -21.89
C ARG B 248 -11.78 -29.90 -21.40
N ILE B 249 -12.58 -28.90 -21.78
CA ILE B 249 -12.51 -27.55 -21.16
C ILE B 249 -12.93 -27.75 -19.70
N THR B 250 -12.14 -27.21 -18.78
CA THR B 250 -12.23 -27.44 -17.32
C THR B 250 -12.68 -26.15 -16.63
N GLY B 251 -13.80 -26.21 -15.91
CA GLY B 251 -14.26 -25.13 -15.01
C GLY B 251 -14.60 -23.83 -15.73
N LEU B 252 -14.79 -23.91 -17.06
CA LEU B 252 -15.18 -22.76 -17.91
C LEU B 252 -16.38 -23.21 -18.77
N TYR B 253 -17.38 -22.33 -18.93
CA TYR B 253 -18.64 -22.65 -19.63
C TYR B 253 -18.74 -21.74 -20.86
N PRO B 254 -18.37 -22.27 -22.05
CA PRO B 254 -18.33 -21.48 -23.28
C PRO B 254 -19.71 -21.11 -23.82
N THR B 255 -19.76 -20.00 -24.53
CA THR B 255 -21.00 -19.36 -25.04
C THR B 255 -21.47 -20.17 -26.25
N LEU B 256 -22.76 -20.07 -26.59
CA LEU B 256 -23.32 -20.75 -27.80
C LEU B 256 -23.36 -19.76 -28.98
N ASN B 257 -23.56 -18.47 -28.66
CA ASN B 257 -23.54 -17.33 -29.62
C ASN B 257 -22.29 -16.50 -29.34
N ILE B 258 -21.37 -16.42 -30.29
CA ILE B 258 -20.23 -15.47 -30.25
C ILE B 258 -20.35 -14.50 -31.42
N SER B 259 -19.79 -13.31 -31.27
CA SER B 259 -19.64 -12.30 -32.35
C SER B 259 -18.59 -12.79 -33.37
N ASP B 260 -18.82 -12.57 -34.65
CA ASP B 260 -17.89 -12.93 -35.75
C ASP B 260 -16.61 -12.09 -35.67
N GLU B 261 -16.59 -11.11 -34.77
CA GLU B 261 -15.39 -10.32 -34.36
C GLU B 261 -14.35 -11.22 -33.67
N PHE B 262 -14.80 -12.21 -32.89
CA PHE B 262 -13.94 -13.10 -32.07
C PHE B 262 -13.97 -14.57 -32.55
N SER B 263 -14.62 -14.87 -33.68
CA SER B 263 -14.77 -16.25 -34.22
C SER B 263 -13.40 -16.84 -34.59
N SER B 264 -12.47 -16.02 -35.05
CA SER B 264 -11.09 -16.45 -35.41
C SER B 264 -10.32 -16.96 -34.18
N ASN B 265 -10.74 -16.60 -32.96
CA ASN B 265 -10.01 -17.01 -31.75
C ASN B 265 -10.71 -18.16 -31.01
N VAL B 266 -11.83 -18.68 -31.52
CA VAL B 266 -12.66 -19.70 -30.79
C VAL B 266 -11.82 -20.96 -30.50
N ALA B 267 -11.13 -21.52 -31.50
CA ALA B 267 -10.26 -22.70 -31.30
C ALA B 267 -9.25 -22.38 -30.18
N ASN B 268 -8.60 -21.20 -30.24
CA ASN B 268 -7.53 -20.84 -29.26
C ASN B 268 -8.14 -20.66 -27.86
N TYR B 269 -9.35 -20.11 -27.75
CA TYR B 269 -10.07 -19.94 -26.46
C TYR B 269 -10.35 -21.30 -25.84
N GLN B 270 -10.61 -22.31 -26.67
CA GLN B 270 -10.89 -23.69 -26.21
C GLN B 270 -9.58 -24.23 -25.67
N LYS B 271 -8.51 -24.05 -26.44
CA LYS B 271 -7.15 -24.46 -26.03
C LYS B 271 -6.91 -23.91 -24.63
N VAL B 272 -7.31 -22.67 -24.36
CA VAL B 272 -7.09 -22.01 -23.05
C VAL B 272 -7.81 -22.80 -21.94
N GLY B 273 -8.96 -23.38 -22.27
CA GLY B 273 -9.79 -24.09 -21.28
C GLY B 273 -9.29 -25.51 -21.04
N MET B 274 -8.40 -26.01 -21.89
CA MET B 274 -7.90 -27.41 -21.89
C MET B 274 -6.42 -27.52 -21.46
N GLN B 275 -5.79 -26.44 -20.99
CA GLN B 275 -4.44 -26.48 -20.34
C GLN B 275 -4.53 -25.65 -19.07
N LYS B 276 -3.60 -25.86 -18.14
CA LYS B 276 -3.52 -25.07 -16.90
C LYS B 276 -3.05 -23.66 -17.28
N TYR B 277 -2.01 -23.60 -18.10
CA TYR B 277 -1.47 -22.32 -18.61
C TYR B 277 -1.21 -22.52 -20.10
N SER B 278 -1.35 -21.42 -20.84
CA SER B 278 -1.14 -21.36 -22.30
C SER B 278 -0.44 -20.05 -22.66
N THR B 279 0.42 -20.13 -23.66
CA THR B 279 1.25 -19.00 -24.13
C THR B 279 0.68 -18.55 -25.48
N LEU B 280 0.50 -17.23 -25.67
CA LEU B 280 0.06 -16.64 -26.95
C LEU B 280 1.13 -15.67 -27.46
N GLN B 281 1.79 -16.02 -28.55
CA GLN B 281 2.70 -15.10 -29.27
C GLN B 281 1.86 -14.26 -30.24
N GLY B 282 1.73 -12.98 -29.93
CA GLY B 282 1.06 -12.02 -30.83
C GLY B 282 2.05 -10.97 -31.36
N PRO B 283 2.55 -11.14 -32.61
CA PRO B 283 3.35 -10.12 -33.27
C PRO B 283 2.69 -8.76 -33.28
N PRO B 284 3.38 -7.70 -33.76
CA PRO B 284 2.78 -6.36 -33.77
C PRO B 284 1.47 -6.37 -34.59
N GLY B 285 0.40 -5.83 -34.02
CA GLY B 285 -0.87 -5.52 -34.71
C GLY B 285 -1.66 -6.76 -35.12
N THR B 286 -1.51 -7.87 -34.39
CA THR B 286 -2.20 -9.14 -34.68
C THR B 286 -3.42 -9.30 -33.77
N GLY B 287 -3.61 -8.47 -32.75
CA GLY B 287 -4.87 -8.46 -31.98
C GLY B 287 -4.79 -9.08 -30.58
N LYS B 288 -3.72 -8.81 -29.83
CA LYS B 288 -3.52 -9.40 -28.48
C LYS B 288 -4.66 -8.99 -27.54
N SER B 289 -4.98 -7.70 -27.45
CA SER B 289 -6.01 -7.16 -26.52
C SER B 289 -7.39 -7.66 -26.97
N HIS B 290 -7.62 -7.67 -28.26
CA HIS B 290 -8.87 -8.19 -28.86
C HIS B 290 -9.03 -9.64 -28.39
N PHE B 291 -7.98 -10.46 -28.55
CA PHE B 291 -7.93 -11.86 -28.08
C PHE B 291 -8.28 -11.90 -26.60
N ALA B 292 -7.62 -11.08 -25.77
CA ALA B 292 -7.74 -11.11 -24.30
C ALA B 292 -9.17 -10.80 -23.90
N ILE B 293 -9.79 -9.76 -24.46
CA ILE B 293 -11.17 -9.34 -24.07
C ILE B 293 -12.15 -10.38 -24.60
N GLY B 294 -11.94 -10.84 -25.83
CA GLY B 294 -12.81 -11.85 -26.50
C GLY B 294 -12.92 -13.14 -25.71
N LEU B 295 -11.89 -13.46 -24.91
CA LEU B 295 -11.86 -14.65 -24.03
C LEU B 295 -12.98 -14.51 -23.00
N ALA B 296 -13.30 -13.30 -22.55
CA ALA B 296 -14.37 -13.02 -21.57
C ALA B 296 -15.75 -13.30 -22.18
N LEU B 297 -15.92 -12.94 -23.45
CA LEU B 297 -17.20 -13.08 -24.16
C LEU B 297 -17.41 -14.56 -24.47
N TYR B 298 -16.32 -15.28 -24.70
CA TYR B 298 -16.38 -16.73 -25.00
C TYR B 298 -16.65 -17.52 -23.72
N TYR B 299 -16.10 -17.11 -22.58
CA TYR B 299 -16.39 -17.70 -21.25
C TYR B 299 -17.13 -16.67 -20.42
N PRO B 300 -18.41 -16.38 -20.74
CA PRO B 300 -19.10 -15.22 -20.17
C PRO B 300 -19.33 -15.22 -18.66
N SER B 301 -19.39 -16.38 -18.02
CA SER B 301 -19.61 -16.51 -16.55
C SER B 301 -18.28 -16.45 -15.80
N ALA B 302 -17.15 -16.65 -16.51
CA ALA B 302 -15.79 -16.78 -15.92
C ALA B 302 -15.35 -15.47 -15.29
N ARG B 303 -14.71 -15.55 -14.12
CA ARG B 303 -14.06 -14.40 -13.45
C ARG B 303 -12.64 -14.30 -13.97
N ILE B 304 -12.29 -13.21 -14.65
CA ILE B 304 -10.96 -13.02 -15.28
C ILE B 304 -10.28 -11.81 -14.64
N VAL B 305 -9.09 -12.03 -14.09
CA VAL B 305 -8.15 -10.98 -13.65
C VAL B 305 -7.19 -10.73 -14.81
N TYR B 306 -7.15 -9.48 -15.27
CA TYR B 306 -6.26 -8.98 -16.34
C TYR B 306 -5.09 -8.26 -15.67
N THR B 307 -3.86 -8.69 -15.97
CA THR B 307 -2.68 -8.13 -15.29
C THR B 307 -1.60 -7.90 -16.33
N ALA B 308 -0.71 -6.94 -16.05
CA ALA B 308 0.52 -6.66 -16.80
C ALA B 308 1.50 -5.92 -15.88
N CYS B 309 2.73 -5.71 -16.31
CA CYS B 309 3.75 -5.04 -15.45
C CYS B 309 3.45 -3.55 -15.36
N SER B 310 3.09 -2.91 -16.48
CA SER B 310 2.93 -1.43 -16.57
C SER B 310 1.46 -1.02 -16.43
N HIS B 311 1.22 0.17 -15.89
CA HIS B 311 -0.12 0.81 -15.88
C HIS B 311 -0.63 0.95 -17.33
N ALA B 312 0.20 1.36 -18.27
CA ALA B 312 -0.19 1.57 -19.69
C ALA B 312 -0.77 0.25 -20.25
N ALA B 313 -0.03 -0.86 -20.10
CA ALA B 313 -0.48 -2.18 -20.60
C ALA B 313 -1.83 -2.50 -19.96
N VAL B 314 -2.01 -2.22 -18.67
CA VAL B 314 -3.30 -2.55 -17.99
C VAL B 314 -4.38 -1.63 -18.58
N ASP B 315 -4.06 -0.34 -18.78
CA ASP B 315 -5.02 0.69 -19.28
C ASP B 315 -5.49 0.32 -20.70
N ALA B 316 -4.57 -0.13 -21.57
CA ALA B 316 -4.91 -0.62 -22.93
C ALA B 316 -5.89 -1.81 -22.84
N LEU B 317 -5.73 -2.70 -21.86
CA LEU B 317 -6.72 -3.80 -21.67
C LEU B 317 -8.05 -3.20 -21.19
N CYS B 318 -8.03 -2.22 -20.30
CA CYS B 318 -9.25 -1.52 -19.81
C CYS B 318 -9.97 -0.83 -20.97
N GLU B 319 -9.23 -0.15 -21.83
CA GLU B 319 -9.79 0.57 -22.99
C GLU B 319 -10.53 -0.44 -23.87
N LYS B 320 -9.87 -1.54 -24.27
CA LYS B 320 -10.49 -2.60 -25.10
C LYS B 320 -11.70 -3.17 -24.36
N ALA B 321 -11.62 -3.43 -23.05
CA ALA B 321 -12.75 -3.98 -22.26
C ALA B 321 -13.96 -3.04 -22.31
N LEU B 322 -13.70 -1.74 -22.23
CA LEU B 322 -14.74 -0.67 -22.15
C LEU B 322 -15.66 -0.78 -23.37
N LYS B 323 -15.09 -1.22 -24.50
CA LYS B 323 -15.75 -1.37 -25.83
C LYS B 323 -16.59 -2.66 -25.93
N TYR B 324 -16.33 -3.71 -25.12
CA TYR B 324 -16.94 -5.06 -25.31
C TYR B 324 -17.66 -5.60 -24.07
N LEU B 325 -17.23 -5.25 -22.86
CA LEU B 325 -17.67 -5.90 -21.60
C LEU B 325 -18.49 -4.93 -20.80
N PRO B 326 -19.50 -5.40 -20.03
CA PRO B 326 -20.31 -4.50 -19.20
C PRO B 326 -19.44 -3.79 -18.15
N ILE B 327 -19.58 -2.47 -18.05
CA ILE B 327 -18.67 -1.56 -17.28
C ILE B 327 -18.85 -1.79 -15.77
N ASP B 328 -20.07 -2.14 -15.33
CA ASP B 328 -20.36 -2.39 -13.89
C ASP B 328 -19.80 -3.76 -13.48
N LYS B 329 -19.34 -4.57 -14.43
CA LYS B 329 -18.74 -5.91 -14.16
C LYS B 329 -17.21 -5.79 -14.17
N CYS B 330 -16.66 -4.59 -14.34
CA CYS B 330 -15.20 -4.32 -14.36
C CYS B 330 -14.77 -3.51 -13.13
N SER B 331 -13.53 -3.68 -12.71
CA SER B 331 -12.86 -2.86 -11.67
C SER B 331 -11.39 -2.65 -12.01
N ARG B 332 -10.89 -1.41 -11.94
CA ARG B 332 -9.46 -1.06 -12.07
C ARG B 332 -8.87 -0.97 -10.67
N ILE B 333 -7.95 -1.89 -10.32
CA ILE B 333 -7.27 -1.92 -8.99
C ILE B 333 -6.11 -0.91 -9.04
N ILE B 334 -6.15 0.05 -8.12
CA ILE B 334 -5.23 1.22 -8.04
C ILE B 334 -4.58 1.19 -6.66
N PRO B 335 -3.24 1.06 -6.61
CA PRO B 335 -2.51 1.08 -5.34
C PRO B 335 -2.52 2.49 -4.73
N ALA B 336 -2.87 2.61 -3.45
CA ALA B 336 -2.82 3.88 -2.69
C ALA B 336 -1.36 4.36 -2.59
N VAL B 340 0.26 7.88 -9.49
CA VAL B 340 0.39 7.84 -10.97
C VAL B 340 -1.01 7.71 -11.58
N GLU B 341 -1.31 8.47 -12.64
CA GLU B 341 -2.68 8.64 -13.21
C GLU B 341 -2.94 7.58 -14.29
N CYS B 342 -4.01 6.79 -14.10
CA CYS B 342 -4.37 5.66 -14.97
C CYS B 342 -5.89 5.59 -15.15
N PHE B 343 -6.35 4.64 -15.97
CA PHE B 343 -7.76 4.40 -16.36
C PHE B 343 -8.74 4.67 -15.21
N ASP B 344 -9.69 5.60 -15.38
CA ASP B 344 -10.66 5.99 -14.30
C ASP B 344 -12.12 5.89 -14.79
N LYS B 345 -12.48 4.91 -15.60
CA LYS B 345 -13.88 4.71 -16.06
C LYS B 345 -14.53 3.53 -15.34
N PHE B 346 -13.76 2.69 -14.62
CA PHE B 346 -14.24 1.51 -13.88
C PHE B 346 -14.31 1.86 -12.39
N LYS B 347 -15.22 1.24 -11.64
CA LYS B 347 -15.24 1.36 -10.15
C LYS B 347 -13.87 0.90 -9.63
N VAL B 348 -13.23 1.72 -8.81
CA VAL B 348 -11.81 1.53 -8.39
C VAL B 348 -11.75 0.57 -7.19
N ASN B 349 -10.81 -0.36 -7.22
CA ASN B 349 -10.40 -1.21 -6.05
C ASN B 349 -11.56 -2.10 -5.58
N SER B 350 -12.40 -2.58 -6.50
CA SER B 350 -13.47 -3.57 -6.21
C SER B 350 -12.95 -4.94 -6.64
N THR B 351 -12.22 -5.59 -5.73
CA THR B 351 -11.51 -6.88 -5.95
C THR B 351 -12.50 -7.99 -6.36
N LEU B 352 -13.79 -7.92 -5.99
CA LEU B 352 -14.76 -9.01 -6.25
C LEU B 352 -15.53 -8.84 -7.57
N GLU B 353 -15.29 -7.75 -8.31
CA GLU B 353 -15.87 -7.54 -9.67
C GLU B 353 -15.41 -8.69 -10.58
N GLN B 354 -16.27 -9.15 -11.50
CA GLN B 354 -16.02 -10.30 -12.41
C GLN B 354 -14.75 -10.07 -13.22
N TYR B 355 -14.51 -8.83 -13.68
CA TYR B 355 -13.32 -8.43 -14.47
C TYR B 355 -12.47 -7.47 -13.66
N VAL B 356 -11.25 -7.89 -13.30
CA VAL B 356 -10.33 -7.09 -12.44
C VAL B 356 -9.09 -6.79 -13.29
N PHE B 357 -8.79 -5.52 -13.48
CA PHE B 357 -7.65 -5.02 -14.28
C PHE B 357 -6.71 -4.38 -13.28
N CYS B 358 -5.47 -4.84 -13.22
CA CYS B 358 -4.55 -4.54 -12.11
C CYS B 358 -3.11 -4.82 -12.55
N THR B 359 -2.15 -3.96 -12.18
CA THR B 359 -0.71 -4.20 -12.44
C THR B 359 -0.24 -5.31 -11.49
N VAL B 360 0.87 -5.95 -11.83
CA VAL B 360 1.45 -7.09 -11.06
C VAL B 360 1.70 -6.63 -9.62
N ASN B 361 2.39 -5.50 -9.43
CA ASN B 361 2.88 -5.05 -8.11
C ASN B 361 1.68 -4.75 -7.19
N ALA B 362 0.47 -4.53 -7.72
CA ALA B 362 -0.74 -4.12 -6.95
C ALA B 362 -1.75 -5.27 -6.78
N LEU B 363 -1.44 -6.47 -7.27
CA LEU B 363 -2.42 -7.58 -7.28
C LEU B 363 -2.83 -7.89 -5.84
N PRO B 364 -4.13 -8.06 -5.58
CA PRO B 364 -4.58 -8.58 -4.30
C PRO B 364 -4.46 -10.11 -4.26
N GLU B 365 -4.55 -10.68 -3.08
CA GLU B 365 -4.60 -12.15 -2.91
C GLU B 365 -6.03 -12.55 -3.23
N THR B 366 -6.24 -13.24 -4.35
CA THR B 366 -7.60 -13.63 -4.84
C THR B 366 -7.49 -14.86 -5.73
N THR B 367 -8.63 -15.39 -6.14
CA THR B 367 -8.72 -16.50 -7.12
C THR B 367 -9.46 -15.97 -8.35
N ALA B 368 -9.31 -16.65 -9.48
CA ALA B 368 -10.00 -16.33 -10.75
C ALA B 368 -10.20 -17.63 -11.52
N ASP B 369 -11.13 -17.64 -12.46
CA ASP B 369 -11.31 -18.76 -13.43
C ASP B 369 -10.21 -18.65 -14.49
N ILE B 370 -9.87 -17.43 -14.92
CA ILE B 370 -8.75 -17.18 -15.88
C ILE B 370 -7.95 -15.96 -15.40
N VAL B 371 -6.64 -16.06 -15.45
CA VAL B 371 -5.70 -14.93 -15.27
C VAL B 371 -5.09 -14.68 -16.65
N VAL B 372 -5.18 -13.43 -17.14
CA VAL B 372 -4.54 -13.02 -18.42
C VAL B 372 -3.39 -12.10 -18.04
N PHE B 373 -2.19 -12.51 -18.38
CA PHE B 373 -0.94 -11.74 -18.13
C PHE B 373 -0.48 -11.23 -19.51
N ASP B 374 -0.60 -9.93 -19.73
CA ASP B 374 -0.27 -9.29 -21.03
C ASP B 374 1.14 -8.71 -21.02
N GLU B 375 1.65 -8.46 -22.22
CA GLU B 375 2.98 -7.89 -22.52
C GLU B 375 4.03 -8.73 -21.77
N ILE B 376 4.09 -10.02 -22.07
CA ILE B 376 4.91 -11.01 -21.29
C ILE B 376 6.40 -10.81 -21.54
N SER B 377 6.84 -10.27 -22.68
CA SER B 377 8.27 -9.97 -22.98
C SER B 377 8.84 -9.01 -21.92
N MET B 378 8.00 -8.16 -21.34
CA MET B 378 8.39 -7.09 -20.38
C MET B 378 8.41 -7.62 -18.95
N ALA B 379 7.93 -8.84 -18.69
CA ALA B 379 7.89 -9.43 -17.33
C ALA B 379 9.29 -9.96 -16.99
N THR B 380 9.64 -9.87 -15.72
CA THR B 380 10.84 -10.55 -15.15
C THR B 380 10.33 -11.76 -14.39
N ASN B 381 11.23 -12.67 -14.02
CA ASN B 381 10.84 -13.88 -13.25
C ASN B 381 10.26 -13.45 -11.90
N TYR B 382 10.69 -12.30 -11.41
CA TYR B 382 10.16 -11.68 -10.17
C TYR B 382 8.65 -11.52 -10.33
N ASP B 383 8.23 -10.83 -11.40
CA ASP B 383 6.80 -10.59 -11.74
C ASP B 383 6.08 -11.91 -11.86
N LEU B 384 6.64 -12.83 -12.64
CA LEU B 384 6.03 -14.17 -12.86
C LEU B 384 5.72 -14.80 -11.50
N SER B 385 6.66 -14.75 -10.56
CA SER B 385 6.51 -15.40 -9.24
C SER B 385 5.43 -14.70 -8.41
N VAL B 386 5.42 -13.36 -8.43
CA VAL B 386 4.46 -12.53 -7.66
C VAL B 386 3.04 -12.89 -8.10
N VAL B 387 2.83 -13.08 -9.40
CA VAL B 387 1.45 -13.32 -9.94
C VAL B 387 0.99 -14.66 -9.38
N ASN B 388 1.87 -15.67 -9.41
CA ASN B 388 1.54 -17.05 -8.96
C ASN B 388 1.24 -17.05 -7.45
N ALA B 389 1.90 -16.16 -6.68
CA ALA B 389 1.74 -16.03 -5.21
C ALA B 389 0.43 -15.30 -4.87
N ARG B 390 0.01 -14.32 -5.66
CA ARG B 390 -1.19 -13.47 -5.39
C ARG B 390 -2.46 -14.14 -5.95
N LEU B 391 -2.40 -14.82 -7.11
CA LEU B 391 -3.61 -15.29 -7.88
C LEU B 391 -3.61 -16.81 -8.05
N ARG B 392 -4.61 -17.48 -7.50
CA ARG B 392 -4.80 -18.93 -7.73
C ARG B 392 -5.93 -19.06 -8.75
N ALA B 393 -5.63 -19.56 -9.94
CA ALA B 393 -6.57 -19.59 -11.07
C ALA B 393 -6.67 -21.01 -11.65
N LYS B 394 -7.84 -21.35 -12.20
CA LYS B 394 -8.02 -22.59 -12.99
C LYS B 394 -7.15 -22.51 -14.25
N HIS B 395 -7.01 -21.33 -14.86
CA HIS B 395 -6.23 -21.17 -16.12
C HIS B 395 -5.45 -19.88 -16.10
N TYR B 396 -4.25 -19.92 -16.68
CA TYR B 396 -3.36 -18.76 -16.80
C TYR B 396 -3.02 -18.63 -18.29
N VAL B 397 -3.24 -17.44 -18.84
CA VAL B 397 -2.90 -17.11 -20.25
C VAL B 397 -1.82 -16.03 -20.24
N TYR B 398 -0.70 -16.32 -20.86
CA TYR B 398 0.47 -15.42 -20.99
C TYR B 398 0.49 -14.88 -22.41
N ILE B 399 0.23 -13.59 -22.57
CA ILE B 399 0.13 -12.94 -23.90
C ILE B 399 1.30 -11.97 -24.07
N GLY B 400 1.99 -12.07 -25.19
CA GLY B 400 3.11 -11.17 -25.49
C GLY B 400 3.80 -11.60 -26.77
N ASP B 401 5.07 -11.23 -26.92
CA ASP B 401 5.88 -11.54 -28.13
C ASP B 401 7.36 -11.56 -27.72
N PRO B 402 8.01 -12.74 -27.67
CA PRO B 402 9.42 -12.78 -27.32
C PRO B 402 10.31 -12.14 -28.39
N ALA B 403 9.73 -11.66 -29.49
CA ALA B 403 10.44 -10.93 -30.56
C ALA B 403 10.34 -9.42 -30.33
N GLN B 404 9.62 -8.99 -29.29
CA GLN B 404 9.59 -7.54 -28.92
C GLN B 404 10.54 -7.29 -27.74
N LEU B 405 10.44 -6.13 -27.07
CA LEU B 405 11.48 -5.67 -26.13
C LEU B 405 11.17 -6.19 -24.72
N PRO B 406 12.24 -6.52 -23.96
CA PRO B 406 12.11 -6.90 -22.56
C PRO B 406 12.19 -5.70 -21.63
N ALA B 407 11.85 -5.91 -20.35
CA ALA B 407 12.19 -5.00 -19.24
C ALA B 407 13.66 -4.60 -19.38
N PRO B 408 13.98 -3.32 -19.19
CA PRO B 408 15.37 -2.89 -19.20
C PRO B 408 16.06 -3.59 -18.02
N ARG B 409 17.28 -4.07 -18.23
CA ARG B 409 18.15 -4.60 -17.16
C ARG B 409 19.27 -3.58 -16.93
N THR B 410 19.02 -2.64 -16.02
CA THR B 410 19.86 -1.42 -15.82
C THR B 410 21.30 -1.81 -15.52
N LEU B 411 21.54 -3.00 -14.97
CA LEU B 411 22.90 -3.44 -14.53
C LEU B 411 23.62 -4.17 -15.67
N LEU B 412 22.91 -4.70 -16.66
CA LEU B 412 23.54 -5.54 -17.73
C LEU B 412 24.26 -4.62 -18.72
N THR B 413 25.56 -4.85 -18.95
CA THR B 413 26.41 -4.03 -19.85
C THR B 413 27.34 -4.92 -20.70
N LYS B 414 27.46 -6.22 -20.42
CA LYS B 414 28.38 -7.13 -21.17
C LYS B 414 27.63 -8.36 -21.71
N GLY B 415 27.46 -8.42 -23.02
CA GLY B 415 26.69 -9.47 -23.73
C GLY B 415 25.26 -9.01 -23.95
N THR B 416 24.58 -9.60 -24.93
CA THR B 416 23.14 -9.32 -25.23
C THR B 416 22.29 -10.40 -24.54
N LEU B 417 21.18 -10.00 -23.94
CA LEU B 417 20.15 -10.91 -23.36
C LEU B 417 19.21 -11.41 -24.47
N GLU B 418 19.29 -12.70 -24.84
CA GLU B 418 18.43 -13.31 -25.88
C GLU B 418 17.02 -13.53 -25.32
N PRO B 419 15.98 -13.53 -26.20
CA PRO B 419 14.58 -13.70 -25.77
C PRO B 419 14.28 -14.99 -24.96
N GLU B 420 14.98 -16.08 -25.25
CA GLU B 420 14.80 -17.34 -24.48
C GLU B 420 15.23 -17.13 -23.02
N TYR B 421 15.79 -15.96 -22.68
CA TYR B 421 16.32 -15.66 -21.34
C TYR B 421 15.60 -14.46 -20.71
N PHE B 422 14.62 -13.85 -21.35
CA PHE B 422 13.86 -12.70 -20.78
C PHE B 422 13.13 -13.14 -19.53
N ASN B 423 12.45 -14.29 -19.54
CA ASN B 423 11.75 -14.86 -18.37
C ASN B 423 11.42 -16.33 -18.68
N SER B 424 10.82 -17.09 -17.75
CA SER B 424 10.45 -18.52 -17.94
C SER B 424 9.43 -18.68 -19.07
N VAL B 425 8.41 -17.80 -19.14
CA VAL B 425 7.38 -17.87 -20.21
C VAL B 425 8.09 -17.69 -21.56
N CYS B 426 8.90 -16.65 -21.74
CA CYS B 426 9.61 -16.46 -23.03
C CYS B 426 10.55 -17.63 -23.27
N ARG B 427 11.13 -18.20 -22.21
CA ARG B 427 12.01 -19.37 -22.37
C ARG B 427 11.20 -20.49 -23.03
N LEU B 428 10.01 -20.80 -22.51
CA LEU B 428 9.14 -21.83 -23.14
C LEU B 428 8.86 -21.45 -24.59
N MET B 429 8.46 -20.20 -24.85
CA MET B 429 8.00 -19.81 -26.21
C MET B 429 9.14 -19.99 -27.21
N LYS B 430 10.37 -19.75 -26.82
CA LYS B 430 11.53 -19.86 -27.74
C LYS B 430 12.01 -21.32 -27.83
N THR B 431 11.78 -22.15 -26.80
CA THR B 431 12.34 -23.53 -26.76
C THR B 431 11.31 -24.53 -27.31
N ILE B 432 10.14 -24.65 -26.69
CA ILE B 432 9.08 -25.59 -27.16
C ILE B 432 8.09 -24.88 -28.11
N GLY B 433 8.25 -23.57 -28.37
CA GLY B 433 7.29 -22.81 -29.19
C GLY B 433 6.06 -22.37 -28.37
N PRO B 434 5.32 -21.32 -28.82
CA PRO B 434 4.11 -20.91 -28.13
C PRO B 434 2.93 -21.85 -28.42
N ASP B 435 2.00 -21.99 -27.47
CA ASP B 435 0.74 -22.75 -27.66
C ASP B 435 -0.09 -22.12 -28.79
N MET B 436 -0.17 -20.79 -28.84
CA MET B 436 -1.07 -20.09 -29.77
C MET B 436 -0.31 -18.95 -30.41
N PHE B 437 -0.60 -18.68 -31.69
CA PHE B 437 0.11 -17.70 -32.53
C PHE B 437 -0.90 -16.86 -33.32
N LEU B 438 -0.86 -15.54 -33.17
CA LEU B 438 -1.70 -14.64 -33.99
C LEU B 438 -0.94 -14.37 -35.28
N GLY B 439 -1.33 -15.06 -36.36
CA GLY B 439 -0.56 -15.15 -37.61
C GLY B 439 -0.84 -14.02 -38.58
N THR B 440 -1.80 -13.14 -38.31
CA THR B 440 -2.13 -12.07 -39.29
C THR B 440 -1.96 -10.66 -38.71
N CYS B 441 -1.02 -9.93 -39.28
CA CYS B 441 -0.75 -8.52 -38.92
C CYS B 441 -1.72 -7.65 -39.68
N ARG B 442 -2.57 -6.90 -38.97
CA ARG B 442 -3.62 -6.02 -39.54
C ARG B 442 -3.09 -4.58 -39.68
N ARG B 443 -1.98 -4.24 -39.03
CA ARG B 443 -1.51 -2.85 -38.95
C ARG B 443 -0.65 -2.51 -40.16
N CYS B 444 0.33 -3.33 -40.50
CA CYS B 444 1.52 -2.85 -41.26
C CYS B 444 1.40 -3.11 -42.75
N PRO B 445 1.94 -2.22 -43.61
CA PRO B 445 2.05 -2.52 -45.03
C PRO B 445 2.83 -3.82 -45.20
N ALA B 446 2.60 -4.54 -46.30
CA ALA B 446 3.16 -5.88 -46.55
C ALA B 446 4.70 -5.83 -46.53
N GLU B 447 5.31 -4.76 -47.04
CA GLU B 447 6.79 -4.62 -47.08
C GLU B 447 7.36 -4.90 -45.67
N ILE B 448 6.77 -4.25 -44.65
CA ILE B 448 7.19 -4.34 -43.22
C ILE B 448 6.87 -5.74 -42.68
N VAL B 449 5.67 -6.24 -42.92
CA VAL B 449 5.24 -7.60 -42.46
C VAL B 449 6.19 -8.64 -43.07
N ASP B 450 6.40 -8.59 -44.38
CA ASP B 450 7.32 -9.53 -45.06
C ASP B 450 8.69 -9.46 -44.36
N THR B 451 9.15 -8.25 -44.00
CA THR B 451 10.53 -8.05 -43.47
C THR B 451 10.64 -8.74 -42.10
N VAL B 452 9.70 -8.53 -41.19
CA VAL B 452 9.83 -9.00 -39.78
C VAL B 452 9.40 -10.46 -39.73
N SER B 453 8.53 -10.88 -40.65
CA SER B 453 8.13 -12.31 -40.76
C SER B 453 9.40 -13.15 -40.94
N ALA B 454 10.24 -12.78 -41.90
CA ALA B 454 11.53 -13.46 -42.19
C ALA B 454 12.52 -13.19 -41.06
N LEU B 455 12.51 -12.00 -40.48
CA LEU B 455 13.54 -11.60 -39.50
C LEU B 455 13.35 -12.39 -38.18
N VAL B 456 12.14 -12.46 -37.64
CA VAL B 456 11.96 -12.93 -36.23
C VAL B 456 10.79 -13.90 -36.08
N TYR B 457 10.03 -14.23 -37.12
CA TYR B 457 8.79 -15.05 -36.99
C TYR B 457 8.82 -16.30 -37.89
N ASP B 458 9.99 -16.76 -38.35
CA ASP B 458 10.12 -18.00 -39.19
C ASP B 458 9.06 -18.01 -40.31
N ASN B 459 8.79 -16.86 -40.93
CA ASN B 459 7.88 -16.67 -42.09
C ASN B 459 6.46 -17.13 -41.79
N LYS B 460 6.01 -17.04 -40.53
CA LYS B 460 4.63 -17.44 -40.14
C LYS B 460 3.77 -16.19 -39.98
N LEU B 461 4.31 -14.98 -40.10
CA LEU B 461 3.49 -13.77 -39.93
C LEU B 461 3.04 -13.32 -41.33
N LYS B 462 1.73 -13.23 -41.54
CA LYS B 462 1.08 -12.95 -42.86
C LYS B 462 0.54 -11.51 -42.85
N ALA B 463 0.60 -10.85 -43.99
CA ALA B 463 0.14 -9.45 -44.16
C ALA B 463 -1.35 -9.48 -44.51
N HIS B 464 -2.19 -8.77 -43.76
CA HIS B 464 -3.57 -8.41 -44.15
C HIS B 464 -3.54 -7.31 -45.22
N LYS B 465 -2.86 -6.21 -44.95
CA LYS B 465 -2.75 -5.08 -45.90
C LYS B 465 -1.89 -5.47 -47.09
N ASP B 466 -2.07 -4.77 -48.21
CA ASP B 466 -1.20 -4.88 -49.40
C ASP B 466 0.12 -4.16 -49.10
N LYS B 467 1.08 -4.25 -50.00
CA LYS B 467 2.20 -3.30 -50.05
C LYS B 467 1.61 -1.89 -50.15
N SER B 468 2.13 -0.95 -49.35
CA SER B 468 1.77 0.49 -49.41
C SER B 468 2.52 1.18 -50.55
N ALA B 469 3.68 0.66 -50.94
CA ALA B 469 4.68 1.32 -51.80
C ALA B 469 5.21 2.60 -51.14
N GLN B 470 5.04 2.74 -49.82
CA GLN B 470 5.53 3.92 -49.05
C GLN B 470 6.51 3.47 -47.95
N CYS B 471 7.27 2.41 -48.22
CA CYS B 471 8.31 1.88 -47.31
C CYS B 471 9.66 2.04 -48.00
N PHE B 472 10.49 2.92 -47.45
CA PHE B 472 11.78 3.33 -48.05
C PHE B 472 12.91 3.05 -47.06
N LYS B 473 14.10 2.81 -47.60
CA LYS B 473 15.34 2.58 -46.84
C LYS B 473 16.44 3.38 -47.53
N MET B 474 17.26 4.04 -46.74
N MET B 474 17.29 3.99 -46.71
CA MET B 474 18.52 4.65 -47.23
CA MET B 474 18.51 4.70 -47.15
C MET B 474 19.68 4.13 -46.37
C MET B 474 19.69 4.15 -46.34
N PHE B 475 20.83 3.98 -46.99
CA PHE B 475 22.08 3.55 -46.33
C PHE B 475 22.97 4.78 -46.19
N TYR B 476 23.00 5.33 -44.97
CA TYR B 476 23.71 6.58 -44.67
C TYR B 476 24.31 6.50 -43.27
N LYS B 477 25.63 6.35 -43.19
CA LYS B 477 26.36 6.18 -41.90
C LYS B 477 26.51 7.53 -41.20
N GLY B 478 26.70 8.60 -41.96
CA GLY B 478 26.69 9.97 -41.41
C GLY B 478 27.84 10.20 -40.46
N VAL B 479 27.58 10.86 -39.33
CA VAL B 479 28.59 11.21 -38.30
C VAL B 479 27.97 10.93 -36.94
N ILE B 480 28.63 10.12 -36.12
CA ILE B 480 28.11 9.77 -34.77
C ILE B 480 28.89 10.60 -33.75
N THR B 481 28.15 11.33 -32.93
CA THR B 481 28.63 12.07 -31.75
C THR B 481 27.95 11.45 -30.52
N HIS B 482 28.60 11.58 -29.37
CA HIS B 482 28.21 10.93 -28.10
C HIS B 482 28.16 12.02 -27.03
N ASP B 483 27.12 12.01 -26.21
CA ASP B 483 27.14 12.80 -24.95
C ASP B 483 27.50 11.81 -23.83
N VAL B 484 26.88 11.94 -22.66
CA VAL B 484 27.27 11.15 -21.45
C VAL B 484 26.80 9.69 -21.58
N SER B 485 25.69 9.41 -22.29
CA SER B 485 25.05 8.06 -22.31
C SER B 485 24.10 7.87 -23.50
N SER B 486 24.36 8.53 -24.63
CA SER B 486 23.44 8.54 -25.80
C SER B 486 24.24 8.89 -27.06
N ALA B 487 23.70 8.57 -28.24
CA ALA B 487 24.31 8.88 -29.55
C ALA B 487 23.42 9.84 -30.34
N ILE B 488 24.06 10.63 -31.19
CA ILE B 488 23.43 11.64 -32.07
C ILE B 488 24.03 11.44 -33.44
N ASN B 489 23.19 11.47 -34.47
CA ASN B 489 23.64 11.41 -35.88
C ASN B 489 22.94 12.55 -36.63
N ARG B 490 23.54 13.74 -36.56
CA ARG B 490 22.99 14.99 -37.14
C ARG B 490 22.88 14.83 -38.65
N PRO B 491 23.90 14.33 -39.37
CA PRO B 491 23.73 14.10 -40.81
C PRO B 491 22.54 13.20 -41.16
N GLN B 492 22.21 12.18 -40.36
CA GLN B 492 21.02 11.33 -40.61
C GLN B 492 19.74 12.17 -40.45
N ILE B 493 19.72 13.06 -39.46
CA ILE B 493 18.62 14.06 -39.33
C ILE B 493 18.64 14.98 -40.54
N GLY B 494 19.80 15.48 -40.95
CA GLY B 494 19.93 16.31 -42.16
C GLY B 494 19.23 15.66 -43.35
N VAL B 495 19.45 14.36 -43.52
CA VAL B 495 18.92 13.58 -44.68
C VAL B 495 17.39 13.53 -44.55
N VAL B 496 16.89 13.40 -43.33
CA VAL B 496 15.42 13.34 -43.07
C VAL B 496 14.85 14.72 -43.41
N ARG B 497 15.51 15.80 -42.96
CA ARG B 497 15.09 17.21 -43.22
C ARG B 497 14.91 17.39 -44.73
N GLU B 498 15.88 16.93 -45.52
CA GLU B 498 15.90 17.04 -47.01
C GLU B 498 14.78 16.17 -47.60
N PHE B 499 14.54 14.99 -47.04
CA PHE B 499 13.47 14.09 -47.51
C PHE B 499 12.12 14.76 -47.28
N LEU B 500 11.95 15.47 -46.15
CA LEU B 500 10.66 16.10 -45.76
C LEU B 500 10.36 17.25 -46.71
N THR B 501 11.37 18.05 -47.11
CA THR B 501 11.18 19.20 -48.03
C THR B 501 10.67 18.68 -49.39
N ARG B 502 11.18 17.54 -49.86
CA ARG B 502 10.75 16.90 -51.12
C ARG B 502 9.47 16.08 -50.94
N ASN B 503 9.06 15.73 -49.72
CA ASN B 503 7.94 14.81 -49.41
C ASN B 503 7.18 15.37 -48.22
N PRO B 504 6.66 16.62 -48.32
CA PRO B 504 5.98 17.26 -47.20
C PRO B 504 4.78 16.49 -46.62
N ALA B 505 4.20 15.51 -47.31
CA ALA B 505 3.10 14.69 -46.74
C ALA B 505 3.62 14.06 -45.45
N TRP B 506 4.92 13.76 -45.42
CA TRP B 506 5.58 12.98 -44.34
C TRP B 506 5.76 13.81 -43.07
N ARG B 507 5.33 15.07 -43.05
CA ARG B 507 5.40 15.95 -41.86
C ARG B 507 4.42 15.44 -40.79
N LYS B 508 3.49 14.56 -41.14
CA LYS B 508 2.60 13.93 -40.13
C LYS B 508 3.30 12.71 -39.48
N ALA B 509 4.53 12.37 -39.89
CA ALA B 509 5.29 11.20 -39.40
C ALA B 509 5.67 11.39 -37.91
N VAL B 510 5.76 10.28 -37.20
CA VAL B 510 6.47 10.18 -35.89
C VAL B 510 7.93 9.89 -36.17
N PHE B 511 8.83 10.53 -35.43
CA PHE B 511 10.29 10.30 -35.58
C PHE B 511 10.71 9.28 -34.52
N ILE B 512 11.36 8.21 -34.94
CA ILE B 512 11.79 7.16 -33.99
C ILE B 512 13.28 6.91 -34.17
N SER B 513 14.01 6.81 -33.07
CA SER B 513 15.43 6.37 -33.09
C SER B 513 15.70 5.55 -31.84
N PRO B 514 16.84 4.85 -31.76
CA PRO B 514 17.17 4.09 -30.56
C PRO B 514 17.72 4.92 -29.41
N TYR B 515 17.86 6.24 -29.58
CA TYR B 515 18.58 7.12 -28.62
C TYR B 515 17.75 8.38 -28.34
N ASN B 516 17.52 8.68 -27.06
CA ASN B 516 16.80 9.91 -26.60
C ASN B 516 17.54 11.18 -27.08
N SER B 517 18.87 11.19 -27.18
CA SER B 517 19.61 12.39 -27.62
C SER B 517 19.38 12.61 -29.13
N GLN B 518 19.43 11.56 -29.93
CA GLN B 518 19.05 11.66 -31.36
C GLN B 518 17.66 12.32 -31.41
N ASN B 519 16.71 11.76 -30.67
CA ASN B 519 15.30 12.21 -30.63
C ASN B 519 15.23 13.68 -30.23
N ALA B 520 16.08 14.16 -29.32
CA ALA B 520 16.03 15.54 -28.78
C ALA B 520 16.43 16.52 -29.88
N VAL B 521 17.49 16.16 -30.60
CA VAL B 521 18.05 16.96 -31.70
C VAL B 521 17.02 17.00 -32.84
N ALA B 522 16.49 15.84 -33.25
CA ALA B 522 15.49 15.69 -34.34
C ALA B 522 14.22 16.51 -34.04
N SER B 523 13.79 16.57 -32.78
CA SER B 523 12.57 17.27 -32.37
C SER B 523 12.72 18.78 -32.67
N LYS B 524 13.90 19.30 -32.40
CA LYS B 524 14.24 20.74 -32.55
C LYS B 524 14.34 21.03 -34.05
N ILE B 525 14.98 20.13 -34.81
CA ILE B 525 15.36 20.38 -36.24
C ILE B 525 14.19 20.03 -37.17
N LEU B 526 13.45 18.94 -36.93
CA LEU B 526 12.38 18.46 -37.82
C LEU B 526 11.01 18.90 -37.27
N GLY B 527 10.89 19.11 -35.97
CA GLY B 527 9.60 19.42 -35.34
C GLY B 527 8.62 18.26 -35.41
N LEU B 528 9.05 17.07 -35.80
CA LEU B 528 8.22 15.83 -35.69
C LEU B 528 8.10 15.42 -34.23
N PRO B 529 6.97 14.80 -33.81
CA PRO B 529 6.90 14.14 -32.52
C PRO B 529 7.90 12.96 -32.53
N THR B 530 8.53 12.70 -31.38
CA THR B 530 9.64 11.72 -31.24
C THR B 530 9.26 10.67 -30.19
N GLN B 531 9.73 9.45 -30.43
CA GLN B 531 9.64 8.27 -29.54
C GLN B 531 10.95 7.51 -29.65
N THR B 532 11.50 7.00 -28.55
CA THR B 532 12.52 5.93 -28.61
C THR B 532 11.78 4.65 -29.05
N VAL B 533 12.49 3.74 -29.69
CA VAL B 533 11.90 2.42 -30.06
C VAL B 533 11.23 1.88 -28.80
N ASP B 534 11.94 1.91 -27.67
CA ASP B 534 11.51 1.30 -26.38
C ASP B 534 10.19 1.94 -25.93
N SER B 535 10.00 3.25 -26.05
CA SER B 535 8.73 3.93 -25.66
C SER B 535 7.68 3.77 -26.76
N SER B 536 8.07 3.46 -27.99
CA SER B 536 7.12 3.27 -29.14
C SER B 536 6.35 1.95 -29.02
N GLN B 537 6.92 0.96 -28.35
CA GLN B 537 6.32 -0.40 -28.20
C GLN B 537 4.87 -0.27 -27.73
N GLY B 538 3.94 -0.90 -28.46
CA GLY B 538 2.49 -0.87 -28.16
C GLY B 538 1.73 0.24 -28.89
N SER B 539 2.42 1.25 -29.43
CA SER B 539 1.83 2.39 -30.16
C SER B 539 1.89 2.14 -31.67
N GLU B 540 0.96 2.72 -32.44
CA GLU B 540 1.02 2.68 -33.91
C GLU B 540 0.86 4.09 -34.46
N TYR B 541 1.45 4.34 -35.63
CA TYR B 541 1.40 5.63 -36.32
C TYR B 541 1.33 5.37 -37.84
N ASP B 542 0.64 6.23 -38.57
CA ASP B 542 0.50 6.12 -40.04
C ASP B 542 1.89 6.14 -40.66
N TYR B 543 2.68 7.15 -40.30
CA TYR B 543 4.01 7.38 -40.90
C TYR B 543 5.06 7.44 -39.80
N VAL B 544 6.14 6.70 -40.00
CA VAL B 544 7.28 6.59 -39.06
C VAL B 544 8.52 6.95 -39.85
N ILE B 545 9.34 7.83 -39.33
CA ILE B 545 10.73 8.05 -39.84
C ILE B 545 11.69 7.52 -38.78
N PHE B 546 12.57 6.61 -39.17
CA PHE B 546 13.50 5.90 -38.25
C PHE B 546 14.92 6.24 -38.68
N THR B 547 15.70 6.87 -37.79
CA THR B 547 17.16 7.02 -37.97
C THR B 547 17.86 6.03 -37.03
N GLN B 548 18.57 5.04 -37.58
CA GLN B 548 19.28 4.04 -36.78
C GLN B 548 20.32 4.70 -35.89
N THR B 549 20.84 5.88 -36.29
CA THR B 549 21.82 6.71 -35.51
C THR B 549 23.22 6.05 -35.49
N THR B 550 23.33 4.80 -35.03
CA THR B 550 24.61 4.05 -34.93
C THR B 550 24.43 2.62 -35.46
N GLU B 551 25.52 1.89 -35.67
CA GLU B 551 25.48 0.41 -35.83
C GLU B 551 26.13 -0.22 -34.62
N THR B 552 25.49 -0.09 -33.45
CA THR B 552 25.88 -0.74 -32.17
C THR B 552 25.06 -2.02 -31.96
N ALA B 553 25.40 -2.78 -30.92
CA ALA B 553 24.59 -3.92 -30.44
C ALA B 553 23.21 -3.40 -30.07
N HIS B 554 23.12 -2.20 -29.50
CA HIS B 554 21.83 -1.59 -29.07
C HIS B 554 20.97 -1.30 -30.31
N SER B 555 21.50 -0.62 -31.31
CA SER B 555 20.73 -0.12 -32.46
C SER B 555 20.46 -1.24 -33.48
N CYS B 556 21.22 -2.35 -33.39
CA CYS B 556 21.09 -3.53 -34.28
C CYS B 556 20.34 -4.65 -33.55
N ASN B 557 19.90 -4.43 -32.32
CA ASN B 557 19.13 -5.48 -31.62
C ASN B 557 17.90 -5.86 -32.47
N VAL B 558 17.74 -7.13 -32.87
CA VAL B 558 16.68 -7.50 -33.84
C VAL B 558 15.32 -7.26 -33.20
N ASN B 559 15.16 -7.46 -31.90
CA ASN B 559 13.84 -7.23 -31.25
C ASN B 559 13.52 -5.73 -31.31
N ARG B 560 14.53 -4.88 -31.13
CA ARG B 560 14.35 -3.41 -31.11
C ARG B 560 13.95 -2.99 -32.52
N PHE B 561 14.60 -3.59 -33.52
CA PHE B 561 14.42 -3.26 -34.93
C PHE B 561 13.01 -3.66 -35.36
N ASN B 562 12.64 -4.89 -35.01
CA ASN B 562 11.28 -5.47 -35.16
C ASN B 562 10.23 -4.47 -34.65
N VAL B 563 10.38 -3.94 -33.45
CA VAL B 563 9.40 -2.97 -32.86
C VAL B 563 9.46 -1.67 -33.67
N ALA B 564 10.64 -1.22 -34.03
CA ALA B 564 10.80 0.15 -34.60
C ALA B 564 9.95 0.24 -35.86
N ILE B 565 10.07 -0.75 -36.76
CA ILE B 565 9.51 -0.71 -38.14
C ILE B 565 8.03 -1.14 -38.14
N THR B 566 7.55 -1.88 -37.14
CA THR B 566 6.16 -2.39 -37.04
C THR B 566 5.26 -1.37 -36.34
N ARG B 567 5.76 -0.15 -36.07
CA ARG B 567 4.92 0.95 -35.55
C ARG B 567 4.06 1.54 -36.69
N ALA B 568 4.49 1.37 -37.94
CA ALA B 568 3.93 2.05 -39.15
C ALA B 568 2.67 1.33 -39.66
N LYS B 569 1.58 2.08 -39.84
CA LYS B 569 0.32 1.59 -40.49
C LYS B 569 0.39 1.76 -42.00
N VAL B 570 1.11 2.76 -42.51
CA VAL B 570 1.03 3.18 -43.94
C VAL B 570 2.42 3.21 -44.58
N GLY B 571 3.30 4.07 -44.08
CA GLY B 571 4.64 4.23 -44.67
C GLY B 571 5.70 4.39 -43.59
N ILE B 572 6.95 4.11 -43.96
CA ILE B 572 8.13 4.22 -43.08
C ILE B 572 9.31 4.61 -43.94
N LEU B 573 10.16 5.46 -43.40
CA LEU B 573 11.49 5.77 -43.97
C LEU B 573 12.52 5.31 -42.94
N CYS B 574 13.40 4.39 -43.31
CA CYS B 574 14.51 3.95 -42.45
C CYS B 574 15.83 4.52 -42.98
N ILE B 575 16.49 5.42 -42.22
CA ILE B 575 17.90 5.83 -42.46
C ILE B 575 18.75 4.87 -41.63
N MET B 576 19.41 3.91 -42.29
CA MET B 576 20.17 2.80 -41.66
C MET B 576 21.68 3.08 -41.63
N SER B 577 22.32 2.62 -40.56
CA SER B 577 23.78 2.62 -40.31
C SER B 577 24.37 1.25 -40.64
N ASP B 578 23.59 0.21 -40.38
CA ASP B 578 24.01 -1.22 -40.43
C ASP B 578 23.68 -1.80 -41.82
N ARG B 579 24.69 -2.24 -42.56
CA ARG B 579 24.50 -2.91 -43.88
C ARG B 579 23.61 -4.14 -43.71
N ASP B 580 23.75 -4.88 -42.61
CA ASP B 580 23.04 -6.18 -42.37
C ASP B 580 21.53 -5.91 -42.37
N LEU B 581 21.03 -5.16 -41.40
CA LEU B 581 19.59 -4.83 -41.28
C LEU B 581 19.12 -4.03 -42.52
N TYR B 582 19.97 -3.26 -43.18
CA TYR B 582 19.59 -2.51 -44.38
C TYR B 582 19.18 -3.51 -45.48
N ASP B 583 19.98 -4.56 -45.65
CA ASP B 583 19.81 -5.60 -46.71
C ASP B 583 18.59 -6.49 -46.38
N LYS B 584 18.21 -6.61 -45.11
CA LYS B 584 17.04 -7.40 -44.67
C LYS B 584 15.75 -6.60 -44.86
N LEU B 585 15.81 -5.27 -44.92
CA LEU B 585 14.61 -4.42 -45.16
C LEU B 585 14.10 -4.62 -46.60
N GLN B 586 12.88 -5.12 -46.75
CA GLN B 586 12.24 -5.38 -48.08
C GLN B 586 11.51 -4.10 -48.49
N PHE B 587 12.27 -3.01 -48.62
CA PHE B 587 11.79 -1.63 -48.80
C PHE B 587 12.42 -1.13 -50.09
N THR B 588 11.82 -0.12 -50.71
CA THR B 588 12.41 0.60 -51.85
C THR B 588 13.64 1.37 -51.35
N SER B 589 14.80 1.18 -51.97
CA SER B 589 16.02 1.93 -51.60
C SER B 589 15.98 3.31 -52.28
N LEU B 590 16.34 4.37 -51.55
CA LEU B 590 16.48 5.76 -52.06
C LEU B 590 17.98 6.09 -52.10
N GLU B 591 18.43 6.82 -53.13
CA GLU B 591 19.84 7.28 -53.23
C GLU B 591 20.03 8.43 -52.24
N ILE B 592 21.29 8.69 -51.87
CA ILE B 592 21.71 9.78 -50.93
C ILE B 592 21.75 11.09 -51.71
N PRO B 593 21.07 12.17 -51.24
CA PRO B 593 21.14 13.47 -51.90
C PRO B 593 22.42 14.27 -51.58
#